data_5EEN
#
_entry.id   5EEN
#
_cell.length_a   75.972
_cell.length_b   95.483
_cell.length_c   96.336
_cell.angle_alpha   90.00
_cell.angle_beta   90.00
_cell.angle_gamma   90.00
#
_symmetry.space_group_name_H-M   'P 21 21 21'
#
loop_
_entity.id
_entity.type
_entity.pdbx_description
1 polymer 'Hdac6 protein'
2 non-polymer 'POTASSIUM ION'
3 non-polymer 'ZINC ION'
4 non-polymer Belinostat
5 non-polymer 'CHLORIDE ION'
6 water water
#
_entity_poly.entity_id   1
_entity_poly.type   'polypeptide(L)'
_entity_poly.pdbx_seq_one_letter_code
;SNAGGSSPITGLVYDQRMMLHHNMWDSHHPELPQRISRIFSRHEELRLLSRCHRIPARLATEEELALCHSSKHISIIKSS
EHMKPRDLNRLGDEYNSIFISNESYTCALLAAGSCFNSAQAILTGQVRNAVAIVRPPGHHAEKDTACGFCFFNTAALTAR
YAQSITRESLRVLIVDWDVHHGNGTQHIFEEDDSVLYISLHRYEDGAFFPNSEDANYDKVGLGKGRGYNVNIPWNGGKMG
DPEYMAAFHHLVMPIAREFAPELVLVSAGFDAARGDPLGGFQVTPEGYAHLTHQLMSLAAGRVLIILEGGYNLTSISESM
SMCTSMLLGDSPPSLDHLTPLKTSATVSINNVLRAHAPFWSSLR
;
_entity_poly.pdbx_strand_id   B,A
#
loop_
_chem_comp.id
_chem_comp.type
_chem_comp.name
_chem_comp.formula
5OG non-polymer Belinostat 'C15 H14 N2 O4 S'
CL non-polymer 'CHLORIDE ION' 'Cl -1'
K non-polymer 'POTASSIUM ION' 'K 1'
ZN non-polymer 'ZINC ION' 'Zn 2'
#
# COMPACT_ATOMS: atom_id res chain seq x y z
N PRO A 8 -17.91 43.78 -2.04
CA PRO A 8 -18.20 42.35 -1.84
C PRO A 8 -17.88 41.52 -3.08
N ILE A 9 -16.81 40.72 -3.01
CA ILE A 9 -16.35 39.94 -4.15
C ILE A 9 -16.50 38.43 -3.94
N THR A 10 -16.86 37.71 -5.00
CA THR A 10 -16.94 36.26 -4.97
C THR A 10 -15.78 35.64 -5.74
N GLY A 11 -15.06 34.72 -5.10
CA GLY A 11 -13.97 34.04 -5.77
C GLY A 11 -14.47 32.82 -6.50
N LEU A 12 -13.72 32.39 -7.51
CA LEU A 12 -14.00 31.16 -8.23
C LEU A 12 -12.69 30.47 -8.62
N VAL A 13 -12.59 29.18 -8.37
CA VAL A 13 -11.44 28.43 -8.82
C VAL A 13 -11.88 27.26 -9.71
N TYR A 14 -11.21 27.11 -10.84
CA TYR A 14 -11.43 26.01 -11.78
C TYR A 14 -10.15 25.79 -12.56
N ASP A 15 -9.79 24.53 -12.80
CA ASP A 15 -8.62 24.20 -13.59
C ASP A 15 -8.87 22.94 -14.40
N GLN A 16 -8.79 23.07 -15.71
CA GLN A 16 -9.09 21.96 -16.62
C GLN A 16 -8.16 20.76 -16.41
N ARG A 17 -7.00 20.99 -15.80
CA ARG A 17 -6.08 19.91 -15.47
C ARG A 17 -6.77 18.83 -14.65
N MET A 18 -7.76 19.22 -13.85
CA MET A 18 -8.47 18.25 -13.01
C MET A 18 -9.36 17.31 -13.85
N MET A 19 -9.43 17.53 -15.16
CA MET A 19 -10.17 16.63 -16.04
C MET A 19 -9.38 15.37 -16.40
N LEU A 20 -8.09 15.34 -16.07
CA LEU A 20 -7.21 14.26 -16.52
C LEU A 20 -7.48 12.95 -15.79
N HIS A 21 -8.02 13.05 -14.58
CA HIS A 21 -8.45 11.89 -13.80
C HIS A 21 -9.57 11.15 -14.54
N HIS A 22 -9.32 9.91 -14.96
CA HIS A 22 -10.32 9.17 -15.72
C HIS A 22 -10.33 7.67 -15.46
N ASN A 23 -11.44 7.04 -15.82
CA ASN A 23 -11.63 5.60 -15.68
C ASN A 23 -11.32 4.91 -17.02
N MET A 24 -10.22 4.18 -17.08
CA MET A 24 -9.76 3.62 -18.36
C MET A 24 -10.44 2.30 -18.71
N TRP A 25 -11.26 1.76 -17.81
CA TRP A 25 -11.96 0.50 -18.08
C TRP A 25 -13.45 0.73 -18.35
N ASP A 26 -13.99 1.82 -17.79
CA ASP A 26 -15.36 2.21 -18.03
C ASP A 26 -15.41 3.72 -18.24
N SER A 27 -15.29 4.13 -19.50
CA SER A 27 -15.24 5.54 -19.86
C SER A 27 -16.57 6.25 -19.60
N HIS A 28 -17.61 5.47 -19.30
CA HIS A 28 -18.92 6.03 -19.02
C HIS A 28 -19.26 6.03 -17.53
N HIS A 29 -18.27 5.76 -16.70
CA HIS A 29 -18.42 5.90 -15.25
C HIS A 29 -18.90 7.32 -14.98
N PRO A 30 -19.93 7.47 -14.13
CA PRO A 30 -20.59 8.78 -13.97
C PRO A 30 -19.72 9.90 -13.40
N GLU A 31 -18.64 9.55 -12.70
CA GLU A 31 -17.73 10.58 -12.19
C GLU A 31 -16.83 11.05 -13.33
N LEU A 32 -17.42 11.79 -14.26
CA LEU A 32 -16.77 12.13 -15.53
C LEU A 32 -15.92 13.39 -15.46
N PRO A 33 -14.86 13.45 -16.27
CA PRO A 33 -14.06 14.68 -16.41
C PRO A 33 -14.91 15.91 -16.75
N GLN A 34 -15.91 15.74 -17.61
CA GLN A 34 -16.69 16.89 -18.03
C GLN A 34 -17.66 17.42 -16.96
N ARG A 35 -17.68 16.80 -15.78
CA ARG A 35 -18.49 17.35 -14.68
C ARG A 35 -18.06 18.80 -14.38
N ILE A 36 -16.76 19.03 -14.24
CA ILE A 36 -16.30 20.36 -13.88
C ILE A 36 -16.29 21.33 -15.08
N SER A 37 -15.96 20.84 -16.27
CA SER A 37 -15.96 21.72 -17.43
C SER A 37 -17.38 22.18 -17.78
N ARG A 38 -18.37 21.33 -17.54
CA ARG A 38 -19.76 21.71 -17.82
C ARG A 38 -20.26 22.77 -16.84
N ILE A 39 -19.91 22.64 -15.56
CA ILE A 39 -20.30 23.63 -14.58
C ILE A 39 -19.66 24.99 -14.91
N PHE A 40 -18.38 24.95 -15.23
CA PHE A 40 -17.63 26.14 -15.61
C PHE A 40 -18.24 26.79 -16.85
N SER A 41 -18.57 25.97 -17.86
CA SER A 41 -19.16 26.50 -19.08
CA SER A 41 -19.17 26.48 -19.08
C SER A 41 -20.48 27.22 -18.80
N ARG A 42 -21.31 26.65 -17.93
CA ARG A 42 -22.59 27.25 -17.59
C ARG A 42 -22.39 28.61 -16.89
N HIS A 43 -21.31 28.73 -16.12
CA HIS A 43 -20.96 30.01 -15.51
C HIS A 43 -20.65 31.06 -16.59
N GLU A 44 -19.94 30.66 -17.64
CA GLU A 44 -19.67 31.54 -18.77
C GLU A 44 -20.94 31.98 -19.47
N GLU A 45 -21.78 31.00 -19.81
CA GLU A 45 -23.06 31.24 -20.47
C GLU A 45 -23.95 32.22 -19.73
N LEU A 46 -24.00 32.06 -18.41
CA LEU A 46 -24.83 32.91 -17.58
C LEU A 46 -24.13 34.23 -17.27
N ARG A 47 -22.93 34.42 -17.84
CA ARG A 47 -22.10 35.59 -17.60
C ARG A 47 -21.78 35.77 -16.12
N LEU A 48 -21.64 34.66 -15.39
CA LEU A 48 -21.30 34.71 -13.97
C LEU A 48 -19.79 34.77 -13.78
N LEU A 49 -19.07 34.09 -14.67
CA LEU A 49 -17.62 33.95 -14.53
C LEU A 49 -16.91 35.30 -14.49
N SER A 50 -17.32 36.22 -15.36
CA SER A 50 -16.69 37.53 -15.41
C SER A 50 -17.00 38.36 -14.17
N ARG A 51 -18.03 37.97 -13.43
CA ARG A 51 -18.42 38.66 -12.21
C ARG A 51 -17.62 38.19 -11.00
N CYS A 52 -16.86 37.11 -11.15
CA CYS A 52 -16.08 36.57 -10.04
C CYS A 52 -14.59 36.87 -10.16
N HIS A 53 -13.87 36.82 -9.04
CA HIS A 53 -12.44 36.87 -9.01
C HIS A 53 -11.85 35.49 -9.22
N ARG A 54 -11.09 35.32 -10.27
CA ARG A 54 -10.52 34.01 -10.55
C ARG A 54 -9.37 33.70 -9.59
N ILE A 55 -9.58 32.70 -8.73
CA ILE A 55 -8.57 32.26 -7.79
C ILE A 55 -7.78 31.11 -8.39
N PRO A 56 -6.44 31.23 -8.39
CA PRO A 56 -5.62 30.22 -9.05
C PRO A 56 -5.66 28.86 -8.34
N ALA A 57 -5.60 27.78 -9.10
CA ALA A 57 -5.47 26.47 -8.53
C ALA A 57 -4.02 26.22 -8.17
N ARG A 58 -3.79 25.36 -7.19
CA ARG A 58 -2.43 24.93 -6.86
C ARG A 58 -2.45 23.51 -6.33
N LEU A 59 -1.29 22.86 -6.33
CA LEU A 59 -1.16 21.54 -5.71
C LEU A 59 -1.09 21.66 -4.20
N ALA A 60 -1.80 20.80 -3.50
CA ALA A 60 -1.59 20.66 -2.07
C ALA A 60 -0.21 20.05 -1.84
N THR A 61 0.44 20.42 -0.75
CA THR A 61 1.71 19.80 -0.40
C THR A 61 1.46 18.51 0.39
N GLU A 62 2.45 17.62 0.43
CA GLU A 62 2.31 16.39 1.19
C GLU A 62 2.16 16.70 2.67
N GLU A 63 2.80 17.78 3.10
CA GLU A 63 2.66 18.25 4.47
C GLU A 63 1.21 18.66 4.76
N GLU A 64 0.57 19.29 3.76
CA GLU A 64 -0.82 19.71 3.89
C GLU A 64 -1.75 18.49 3.92
N LEU A 65 -1.45 17.50 3.08
CA LEU A 65 -2.19 16.24 3.09
C LEU A 65 -2.14 15.56 4.46
N ALA A 66 -1.03 15.72 5.18
CA ALA A 66 -0.86 15.06 6.47
C ALA A 66 -1.69 15.69 7.58
N LEU A 67 -2.33 16.82 7.28
CA LEU A 67 -3.26 17.42 8.24
C LEU A 67 -4.40 16.47 8.59
N CYS A 68 -4.76 15.61 7.63
CA CYS A 68 -5.88 14.68 7.82
C CYS A 68 -5.56 13.22 7.47
N HIS A 69 -4.48 12.99 6.72
CA HIS A 69 -4.22 11.65 6.19
C HIS A 69 -2.90 11.04 6.65
N SER A 70 -2.83 9.70 6.66
CA SER A 70 -1.65 8.99 7.10
C SER A 70 -0.55 9.04 6.04
N SER A 71 0.70 8.88 6.47
CA SER A 71 1.81 8.86 5.54
C SER A 71 1.70 7.65 4.60
N LYS A 72 1.17 6.55 5.13
CA LYS A 72 0.98 5.34 4.33
C LYS A 72 0.00 5.57 3.18
N HIS A 73 -1.15 6.18 3.50
CA HIS A 73 -2.17 6.46 2.49
C HIS A 73 -1.67 7.43 1.42
N ILE A 74 -0.98 8.48 1.85
CA ILE A 74 -0.44 9.47 0.91
C ILE A 74 0.58 8.82 -0.04
N SER A 75 1.45 7.96 0.49
CA SER A 75 2.48 7.32 -0.32
CA SER A 75 2.47 7.31 -0.32
C SER A 75 1.88 6.37 -1.36
N ILE A 76 0.90 5.57 -0.95
CA ILE A 76 0.26 4.63 -1.86
C ILE A 76 -0.41 5.33 -3.05
N ILE A 77 -1.17 6.38 -2.78
CA ILE A 77 -1.83 7.13 -3.85
C ILE A 77 -0.80 7.90 -4.67
N LYS A 78 0.22 8.42 -4.00
CA LYS A 78 1.29 9.14 -4.69
C LYS A 78 1.99 8.23 -5.71
N SER A 79 2.15 6.96 -5.35
CA SER A 79 2.87 6.01 -6.20
C SER A 79 2.06 5.56 -7.40
N SER A 80 0.76 5.86 -7.39
CA SER A 80 -0.13 5.46 -8.48
C SER A 80 0.20 6.23 -9.76
N GLU A 81 0.89 7.35 -9.60
CA GLU A 81 1.23 8.22 -10.72
C GLU A 81 2.11 7.51 -11.76
N HIS A 82 2.84 6.49 -11.32
CA HIS A 82 3.79 5.81 -12.20
C HIS A 82 3.42 4.35 -12.46
N MET A 83 2.25 3.93 -11.99
CA MET A 83 1.85 2.54 -12.12
C MET A 83 1.41 2.19 -13.53
N LYS A 84 1.64 0.94 -13.91
CA LYS A 84 1.14 0.40 -15.17
C LYS A 84 -0.31 -0.01 -14.97
N PRO A 85 -1.11 -0.09 -16.05
CA PRO A 85 -2.54 -0.38 -15.96
C PRO A 85 -2.89 -1.54 -15.02
N ARG A 86 -2.09 -2.62 -15.07
CA ARG A 86 -2.33 -3.75 -14.20
C ARG A 86 -2.29 -3.33 -12.73
N ASP A 87 -1.28 -2.55 -12.38
CA ASP A 87 -1.13 -2.06 -11.02
C ASP A 87 -2.27 -1.14 -10.62
N LEU A 88 -2.65 -0.25 -11.54
CA LEU A 88 -3.73 0.70 -11.30
C LEU A 88 -5.06 -0.01 -11.05
N ASN A 89 -5.35 -0.99 -11.89
CA ASN A 89 -6.59 -1.74 -11.79
C ASN A 89 -6.67 -2.48 -10.46
N ARG A 90 -5.61 -3.20 -10.14
CA ARG A 90 -5.55 -3.96 -8.94
C ARG A 90 -5.62 -3.06 -7.74
N LEU A 91 -4.93 -1.94 -7.77
CA LEU A 91 -4.95 -1.01 -6.63
C LEU A 91 -6.31 -0.40 -6.37
N GLY A 92 -6.97 0.03 -7.41
CA GLY A 92 -8.26 0.63 -7.28
C GLY A 92 -9.23 -0.32 -6.66
N ASP A 93 -9.11 -1.56 -7.06
CA ASP A 93 -9.90 -2.65 -6.59
C ASP A 93 -9.77 -2.97 -5.09
N GLU A 94 -8.68 -2.54 -4.50
CA GLU A 94 -8.45 -2.70 -3.05
C GLU A 94 -9.39 -1.80 -2.25
N TYR A 95 -9.99 -0.83 -2.93
CA TYR A 95 -10.86 0.15 -2.27
C TYR A 95 -12.33 -0.04 -2.62
N ASN A 96 -13.20 0.52 -1.79
CA ASN A 96 -14.62 0.58 -2.10
C ASN A 96 -14.88 1.66 -3.16
N SER A 97 -15.22 1.22 -4.37
CA SER A 97 -15.66 2.10 -5.45
C SER A 97 -14.65 3.19 -5.81
N ILE A 98 -13.49 2.75 -6.30
CA ILE A 98 -12.44 3.66 -6.72
C ILE A 98 -11.85 3.24 -8.06
N PHE A 99 -11.70 4.19 -8.98
CA PHE A 99 -10.88 3.97 -10.17
C PHE A 99 -9.68 4.92 -10.13
N ILE A 100 -8.56 4.48 -10.67
CA ILE A 100 -7.32 5.25 -10.63
C ILE A 100 -6.65 5.28 -11.99
N SER A 101 -6.25 6.46 -12.42
CA SER A 101 -5.39 6.59 -13.60
C SER A 101 -4.07 7.23 -13.16
N ASN A 102 -3.14 7.38 -14.09
CA ASN A 102 -1.83 7.94 -13.77
C ASN A 102 -1.92 9.43 -13.39
N GLU A 103 -3.08 10.04 -13.65
CA GLU A 103 -3.27 11.47 -13.38
C GLU A 103 -4.07 11.73 -12.10
N SER A 104 -4.53 10.66 -11.46
CA SER A 104 -5.43 10.78 -10.30
C SER A 104 -4.82 11.53 -9.11
N TYR A 105 -3.59 11.18 -8.75
CA TYR A 105 -2.90 11.82 -7.63
C TYR A 105 -2.83 13.34 -7.82
N THR A 106 -2.35 13.74 -8.99
CA THR A 106 -2.15 15.15 -9.31
C THR A 106 -3.46 15.93 -9.26
N CYS A 107 -4.54 15.32 -9.76
CA CYS A 107 -5.86 15.94 -9.76
C CYS A 107 -6.40 16.12 -8.34
N ALA A 108 -6.23 15.10 -7.51
CA ALA A 108 -6.65 15.18 -6.13
C ALA A 108 -5.89 16.29 -5.40
N LEU A 109 -4.60 16.42 -5.70
CA LEU A 109 -3.78 17.47 -5.13
C LEU A 109 -4.26 18.86 -5.56
N LEU A 110 -4.64 18.99 -6.83
CA LEU A 110 -5.18 20.25 -7.35
C LEU A 110 -6.50 20.63 -6.71
N ALA A 111 -7.38 19.66 -6.52
CA ALA A 111 -8.68 19.90 -5.88
C ALA A 111 -8.49 20.47 -4.48
N ALA A 112 -7.59 19.86 -3.71
CA ALA A 112 -7.32 20.30 -2.34
C ALA A 112 -6.70 21.70 -2.32
N GLY A 113 -5.63 21.89 -3.10
CA GLY A 113 -4.91 23.14 -3.12
C GLY A 113 -5.78 24.29 -3.60
N SER A 114 -6.71 23.99 -4.52
CA SER A 114 -7.64 24.99 -5.01
C SER A 114 -8.50 25.52 -3.88
N CYS A 115 -8.98 24.61 -3.05
CA CYS A 115 -9.80 24.99 -1.90
C CYS A 115 -8.99 25.69 -0.81
N PHE A 116 -7.72 25.33 -0.66
CA PHE A 116 -6.86 26.03 0.29
C PHE A 116 -6.73 27.50 -0.13
N ASN A 117 -6.42 27.72 -1.40
CA ASN A 117 -6.30 29.09 -1.92
C ASN A 117 -7.58 29.88 -1.75
N SER A 118 -8.72 29.21 -1.89
CA SER A 118 -10.01 29.85 -1.75
C SER A 118 -10.28 30.23 -0.30
N ALA A 119 -10.00 29.30 0.61
CA ALA A 119 -10.16 29.54 2.04
C ALA A 119 -9.27 30.70 2.48
N GLN A 120 -8.04 30.70 1.99
CA GLN A 120 -7.09 31.76 2.33
C GLN A 120 -7.58 33.12 1.83
N ALA A 121 -8.19 33.13 0.64
CA ALA A 121 -8.68 34.37 0.05
C ALA A 121 -9.87 34.90 0.82
N ILE A 122 -10.70 33.99 1.33
CA ILE A 122 -11.82 34.38 2.18
C ILE A 122 -11.34 34.92 3.54
N LEU A 123 -10.39 34.23 4.14
CA LEU A 123 -9.97 34.55 5.49
C LEU A 123 -9.09 35.81 5.54
N THR A 124 -8.36 36.11 4.46
CA THR A 124 -7.61 37.35 4.40
C THR A 124 -8.48 38.52 3.94
N GLY A 125 -9.70 38.21 3.51
CA GLY A 125 -10.64 39.24 3.11
C GLY A 125 -10.56 39.68 1.66
N GLN A 126 -9.72 39.02 0.86
CA GLN A 126 -9.63 39.35 -0.58
C GLN A 126 -11.00 39.15 -1.24
N VAL A 127 -11.67 38.05 -0.89
CA VAL A 127 -13.05 37.82 -1.31
C VAL A 127 -13.94 37.60 -0.10
N ARG A 128 -15.25 37.77 -0.28
CA ARG A 128 -16.22 37.54 0.80
C ARG A 128 -16.62 36.07 0.88
N ASN A 129 -16.74 35.44 -0.29
CA ASN A 129 -17.12 34.03 -0.40
C ASN A 129 -16.53 33.45 -1.68
N ALA A 130 -16.74 32.16 -1.95
CA ALA A 130 -16.11 31.55 -3.12
C ALA A 130 -16.73 30.21 -3.51
N VAL A 131 -16.54 29.83 -4.76
CA VAL A 131 -16.93 28.50 -5.24
CA VAL A 131 -16.94 28.52 -5.26
C VAL A 131 -15.73 27.77 -5.81
N ALA A 132 -15.65 26.47 -5.51
CA ALA A 132 -14.57 25.63 -6.00
C ALA A 132 -15.12 24.52 -6.90
N ILE A 133 -14.86 24.62 -8.20
CA ILE A 133 -15.30 23.63 -9.17
C ILE A 133 -14.21 22.58 -9.37
N VAL A 134 -14.20 21.56 -8.52
CA VAL A 134 -13.08 20.63 -8.45
C VAL A 134 -13.50 19.17 -8.52
N ARG A 135 -12.55 18.32 -8.91
CA ARG A 135 -12.73 16.87 -8.89
C ARG A 135 -11.33 16.23 -8.86
N PRO A 136 -11.22 14.98 -8.34
CA PRO A 136 -12.24 14.10 -7.77
C PRO A 136 -12.80 14.63 -6.46
N PRO A 137 -13.99 14.14 -6.04
CA PRO A 137 -14.60 14.58 -4.79
C PRO A 137 -13.79 14.11 -3.58
N GLY A 138 -14.25 14.43 -2.37
CA GLY A 138 -13.44 14.17 -1.20
C GLY A 138 -14.09 13.60 0.05
N HIS A 139 -15.39 13.77 0.24
CA HIS A 139 -15.93 13.58 1.60
C HIS A 139 -16.02 12.12 2.04
N HIS A 140 -15.84 11.16 1.12
CA HIS A 140 -15.75 9.75 1.52
C HIS A 140 -14.33 9.32 1.89
N ALA A 141 -13.34 10.15 1.61
CA ALA A 141 -11.96 9.79 1.89
C ALA A 141 -11.70 9.82 3.40
N GLU A 142 -11.11 8.74 3.90
CA GLU A 142 -10.78 8.59 5.31
C GLU A 142 -9.32 8.92 5.55
N LYS A 143 -8.94 9.01 6.82
CA LYS A 143 -7.55 9.24 7.18
C LYS A 143 -6.60 8.29 6.45
N ASP A 144 -6.95 7.00 6.43
CA ASP A 144 -6.04 5.99 5.94
C ASP A 144 -6.52 5.28 4.65
N THR A 145 -7.58 5.77 4.03
CA THR A 145 -8.05 5.08 2.84
C THR A 145 -8.91 5.91 1.89
N ALA A 146 -8.88 5.53 0.61
CA ALA A 146 -9.71 6.12 -0.42
C ALA A 146 -11.04 5.39 -0.48
N CYS A 147 -12.07 6.05 -0.97
CA CYS A 147 -13.41 5.49 -0.96
C CYS A 147 -14.37 6.33 -1.80
N GLY A 148 -15.31 5.66 -2.47
CA GLY A 148 -16.42 6.34 -3.14
C GLY A 148 -16.05 7.49 -4.05
N PHE A 149 -15.07 7.24 -4.93
CA PHE A 149 -14.57 8.16 -5.95
C PHE A 149 -13.64 9.21 -5.35
N CYS A 150 -13.38 9.13 -4.05
CA CYS A 150 -12.60 10.14 -3.32
C CYS A 150 -11.24 9.63 -2.87
N PHE A 151 -10.22 10.47 -2.98
CA PHE A 151 -8.86 10.07 -2.60
C PHE A 151 -8.39 10.75 -1.31
N PHE A 152 -8.48 12.07 -1.29
CA PHE A 152 -8.20 12.84 -0.08
C PHE A 152 -9.42 13.66 0.26
N ASN A 153 -9.62 13.94 1.55
CA ASN A 153 -10.81 14.64 1.99
C ASN A 153 -10.63 16.15 1.90
N THR A 154 -10.97 16.68 0.73
CA THR A 154 -10.77 18.10 0.41
C THR A 154 -11.41 19.04 1.42
N ALA A 155 -12.67 18.80 1.78
CA ALA A 155 -13.35 19.68 2.72
C ALA A 155 -12.70 19.62 4.11
N ALA A 156 -12.37 18.42 4.57
CA ALA A 156 -11.74 18.26 5.89
C ALA A 156 -10.38 18.94 5.91
N LEU A 157 -9.58 18.73 4.87
CA LEU A 157 -8.25 19.33 4.78
C LEU A 157 -8.34 20.85 4.75
N THR A 158 -9.37 21.36 4.08
CA THR A 158 -9.58 22.79 3.98
C THR A 158 -9.88 23.39 5.36
N ALA A 159 -10.67 22.68 6.16
CA ALA A 159 -10.95 23.14 7.53
C ALA A 159 -9.67 23.21 8.36
N ARG A 160 -8.84 22.17 8.29
CA ARG A 160 -7.58 22.16 9.03
C ARG A 160 -6.62 23.20 8.48
N TYR A 161 -6.64 23.40 7.17
CA TYR A 161 -5.81 24.44 6.57
C TYR A 161 -6.23 25.81 7.09
N ALA A 162 -7.53 26.06 7.13
CA ALA A 162 -8.07 27.31 7.66
C ALA A 162 -7.57 27.56 9.08
N GLN A 163 -7.62 26.52 9.91
CA GLN A 163 -7.14 26.62 11.29
C GLN A 163 -5.63 26.89 11.32
N SER A 164 -4.89 26.30 10.38
CA SER A 164 -3.44 26.44 10.36
C SER A 164 -2.97 27.86 10.00
N ILE A 165 -3.82 28.65 9.34
CA ILE A 165 -3.40 30.00 8.97
C ILE A 165 -4.11 31.06 9.81
N THR A 166 -4.95 30.62 10.74
CA THR A 166 -5.57 31.53 11.69
C THR A 166 -5.22 31.10 13.12
N ARG A 167 -6.11 30.34 13.74
CA ARG A 167 -5.84 29.75 15.05
C ARG A 167 -6.41 28.34 15.10
N GLU A 168 -5.82 27.47 15.91
CA GLU A 168 -6.23 26.06 15.94
C GLU A 168 -7.71 25.87 16.27
N SER A 169 -8.25 26.77 17.08
CA SER A 169 -9.63 26.64 17.55
C SER A 169 -10.65 27.40 16.70
N LEU A 170 -10.24 27.86 15.51
CA LEU A 170 -11.17 28.50 14.58
C LEU A 170 -12.40 27.63 14.36
N ARG A 171 -13.58 28.16 14.63
CA ARG A 171 -14.80 27.39 14.49
C ARG A 171 -15.20 27.27 13.03
N VAL A 172 -15.15 26.04 12.51
CA VAL A 172 -15.53 25.83 11.13
C VAL A 172 -16.79 24.97 11.08
N LEU A 173 -17.78 25.44 10.33
CA LEU A 173 -18.97 24.65 10.06
C LEU A 173 -18.85 24.00 8.69
N ILE A 174 -19.01 22.68 8.65
CA ILE A 174 -19.12 21.98 7.37
C ILE A 174 -20.54 21.48 7.17
N VAL A 175 -21.20 21.99 6.13
CA VAL A 175 -22.53 21.53 5.76
C VAL A 175 -22.39 20.66 4.52
N ASP A 176 -22.79 19.41 4.65
CA ASP A 176 -22.65 18.41 3.60
C ASP A 176 -24.02 18.10 3.01
N TRP A 177 -24.38 18.72 1.88
CA TRP A 177 -25.70 18.47 1.30
C TRP A 177 -25.63 17.56 0.08
N ASP A 178 -24.45 17.01 -0.19
CA ASP A 178 -24.31 15.87 -1.09
C ASP A 178 -25.30 14.80 -0.62
N VAL A 179 -25.87 14.03 -1.54
CA VAL A 179 -26.94 13.11 -1.16
C VAL A 179 -26.39 11.94 -0.33
N HIS A 180 -25.09 11.72 -0.39
CA HIS A 180 -24.46 10.64 0.37
C HIS A 180 -23.85 11.15 1.66
N HIS A 181 -23.76 10.29 2.67
CA HIS A 181 -23.14 10.68 3.93
C HIS A 181 -21.62 10.85 3.74
N GLY A 182 -21.06 11.92 4.28
CA GLY A 182 -19.63 12.11 4.22
C GLY A 182 -18.94 11.36 5.34
N ASN A 183 -18.81 10.04 5.19
CA ASN A 183 -18.22 9.19 6.22
C ASN A 183 -16.82 9.64 6.62
N GLY A 184 -16.03 10.09 5.65
CA GLY A 184 -14.67 10.50 5.92
C GLY A 184 -14.65 11.75 6.80
N THR A 185 -15.52 12.69 6.49
CA THR A 185 -15.53 13.95 7.22
C THR A 185 -16.03 13.77 8.65
N GLN A 186 -17.06 12.95 8.81
CA GLN A 186 -17.56 12.61 10.14
C GLN A 186 -16.46 12.03 11.03
N HIS A 187 -15.78 11.00 10.53
CA HIS A 187 -14.75 10.33 11.31
C HIS A 187 -13.56 11.22 11.62
N ILE A 188 -13.14 12.03 10.65
CA ILE A 188 -12.00 12.92 10.85
C ILE A 188 -12.26 13.90 12.00
N PHE A 189 -13.49 14.40 12.09
CA PHE A 189 -13.79 15.42 13.11
C PHE A 189 -14.62 14.90 14.28
N GLU A 190 -14.78 13.58 14.38
CA GLU A 190 -15.74 13.01 15.30
C GLU A 190 -15.47 13.39 16.76
N GLU A 191 -14.20 13.54 17.14
CA GLU A 191 -13.86 13.89 18.52
C GLU A 191 -13.49 15.36 18.68
N ASP A 192 -13.94 16.18 17.72
CA ASP A 192 -13.53 17.57 17.63
C ASP A 192 -14.72 18.51 17.78
N ASP A 193 -14.57 19.55 18.61
CA ASP A 193 -15.64 20.52 18.83
C ASP A 193 -15.38 21.85 18.12
N SER A 194 -14.24 21.94 17.44
CA SER A 194 -13.92 23.13 16.66
C SER A 194 -14.50 23.07 15.26
N VAL A 195 -14.79 21.86 14.78
CA VAL A 195 -15.40 21.68 13.48
C VAL A 195 -16.75 21.00 13.63
N LEU A 196 -17.82 21.74 13.37
CA LEU A 196 -19.16 21.20 13.42
C LEU A 196 -19.51 20.59 12.07
N TYR A 197 -19.77 19.29 12.06
CA TYR A 197 -20.16 18.60 10.84
C TYR A 197 -21.68 18.35 10.78
N ILE A 198 -22.33 18.88 9.77
CA ILE A 198 -23.77 18.63 9.58
C ILE A 198 -24.02 18.06 8.19
N SER A 199 -24.53 16.83 8.14
CA SER A 199 -24.80 16.19 6.86
C SER A 199 -26.27 15.85 6.70
N LEU A 200 -26.81 16.15 5.52
CA LEU A 200 -28.11 15.62 5.11
C LEU A 200 -27.84 14.58 4.05
N HIS A 201 -28.47 13.41 4.14
CA HIS A 201 -28.17 12.33 3.21
C HIS A 201 -29.29 11.31 3.12
N ARG A 202 -29.44 10.70 1.96
CA ARG A 202 -30.28 9.53 1.81
C ARG A 202 -29.64 8.39 2.58
N TYR A 203 -30.43 7.77 3.46
CA TYR A 203 -29.91 6.76 4.38
C TYR A 203 -30.53 5.38 4.13
N GLU A 204 -31.85 5.34 4.02
CA GLU A 204 -32.61 4.09 3.81
C GLU A 204 -32.20 2.99 4.79
N ASP A 205 -32.21 3.32 6.08
CA ASP A 205 -31.88 2.36 7.13
C ASP A 205 -30.52 1.70 6.92
N GLY A 206 -29.62 2.41 6.24
CA GLY A 206 -28.28 1.91 6.01
C GLY A 206 -28.07 1.22 4.67
N ALA A 207 -29.11 1.18 3.84
CA ALA A 207 -29.02 0.47 2.56
C ALA A 207 -28.45 1.35 1.45
N PHE A 208 -28.33 2.65 1.69
CA PHE A 208 -27.79 3.56 0.68
C PHE A 208 -26.31 3.76 0.90
N PHE A 209 -25.54 3.83 -0.18
CA PHE A 209 -24.11 4.10 -0.08
C PHE A 209 -23.89 5.35 0.78
N PRO A 210 -22.90 5.33 1.69
CA PRO A 210 -21.85 4.31 1.86
C PRO A 210 -22.19 3.10 2.74
N ASN A 211 -23.47 2.86 3.01
CA ASN A 211 -23.95 1.61 3.61
C ASN A 211 -23.49 1.35 5.04
N SER A 212 -23.38 2.41 5.83
CA SER A 212 -22.99 2.27 7.23
C SER A 212 -23.98 2.98 8.16
N GLU A 213 -24.23 2.39 9.32
CA GLU A 213 -25.12 3.00 10.28
C GLU A 213 -24.43 4.15 11.02
N ASP A 214 -23.15 4.38 10.71
CA ASP A 214 -22.45 5.58 11.16
C ASP A 214 -23.20 6.83 10.76
N ALA A 215 -23.99 6.72 9.68
CA ALA A 215 -24.70 7.86 9.10
C ALA A 215 -26.03 8.13 9.81
N ASN A 216 -26.38 7.32 10.79
CA ASN A 216 -27.68 7.49 11.43
C ASN A 216 -27.68 8.68 12.40
N TYR A 217 -28.88 9.15 12.75
CA TYR A 217 -29.02 10.37 13.54
C TYR A 217 -28.48 10.24 14.97
N ASP A 218 -28.29 9.02 15.45
CA ASP A 218 -27.87 8.82 16.83
C ASP A 218 -26.35 8.89 16.99
N LYS A 219 -25.64 9.12 15.89
CA LYS A 219 -24.20 9.32 15.95
C LYS A 219 -23.93 10.82 16.10
N VAL A 220 -23.67 11.26 17.34
CA VAL A 220 -23.64 12.68 17.66
C VAL A 220 -22.24 13.22 17.99
N GLY A 221 -21.22 12.39 17.80
CA GLY A 221 -19.86 12.80 18.12
C GLY A 221 -19.33 12.07 19.34
N LEU A 222 -18.02 12.13 19.55
CA LEU A 222 -17.36 11.41 20.66
C LEU A 222 -16.49 12.35 21.51
N GLY A 223 -16.33 12.01 22.78
CA GLY A 223 -15.48 12.79 23.67
C GLY A 223 -15.91 14.24 23.73
N LYS A 224 -14.96 15.17 23.52
CA LYS A 224 -15.32 16.58 23.55
C LYS A 224 -16.11 16.97 22.30
N GLY A 225 -16.16 16.07 21.32
CA GLY A 225 -16.93 16.29 20.12
C GLY A 225 -18.38 15.83 20.20
N ARG A 226 -18.82 15.44 21.40
CA ARG A 226 -20.22 15.08 21.60
C ARG A 226 -21.12 16.29 21.33
N GLY A 227 -22.04 16.13 20.38
CA GLY A 227 -22.92 17.22 19.98
C GLY A 227 -22.50 17.93 18.71
N TYR A 228 -21.26 17.70 18.28
CA TYR A 228 -20.73 18.44 17.13
C TYR A 228 -20.70 17.59 15.87
N ASN A 229 -21.50 16.53 15.86
CA ASN A 229 -21.77 15.78 14.65
C ASN A 229 -23.28 15.60 14.50
N VAL A 230 -23.82 16.10 13.39
CA VAL A 230 -25.26 16.09 13.18
C VAL A 230 -25.59 15.39 11.86
N ASN A 231 -26.11 14.18 11.96
CA ASN A 231 -26.57 13.44 10.79
C ASN A 231 -28.06 13.60 10.62
N ILE A 232 -28.49 14.06 9.45
CA ILE A 232 -29.90 14.15 9.12
C ILE A 232 -30.22 13.15 8.00
N PRO A 233 -30.67 11.94 8.39
CA PRO A 233 -30.84 10.83 7.45
C PRO A 233 -32.26 10.74 6.89
N TRP A 234 -32.38 10.64 5.56
CA TRP A 234 -33.68 10.49 4.93
C TRP A 234 -33.98 9.01 4.67
N ASN A 235 -35.22 8.61 4.94
CA ASN A 235 -35.69 7.26 4.68
C ASN A 235 -37.02 7.25 3.93
N GLY A 236 -37.19 6.26 3.06
CA GLY A 236 -38.44 6.00 2.37
C GLY A 236 -39.18 7.19 1.80
N GLY A 237 -38.57 7.86 0.82
CA GLY A 237 -39.18 9.03 0.23
C GLY A 237 -38.25 9.79 -0.71
N LYS A 238 -38.84 10.28 -1.80
CA LYS A 238 -38.10 11.06 -2.78
C LYS A 238 -38.01 12.51 -2.33
N MET A 239 -36.98 12.82 -1.53
CA MET A 239 -36.91 14.13 -0.90
C MET A 239 -36.54 15.22 -1.91
N GLY A 240 -37.05 16.43 -1.65
CA GLY A 240 -36.80 17.56 -2.52
C GLY A 240 -36.76 18.86 -1.72
N ASP A 241 -37.12 19.95 -2.38
CA ASP A 241 -37.05 21.28 -1.77
C ASP A 241 -37.79 21.41 -0.44
N PRO A 242 -39.04 20.91 -0.33
CA PRO A 242 -39.70 21.11 0.97
C PRO A 242 -38.95 20.45 2.13
N GLU A 243 -38.41 19.27 1.88
CA GLU A 243 -37.73 18.51 2.93
C GLU A 243 -36.41 19.16 3.36
N TYR A 244 -35.65 19.66 2.40
CA TYR A 244 -34.38 20.29 2.72
C TYR A 244 -34.58 21.66 3.37
N MET A 245 -35.65 22.36 2.98
CA MET A 245 -35.98 23.64 3.57
C MET A 245 -36.40 23.47 5.04
N ALA A 246 -37.18 22.44 5.30
CA ALA A 246 -37.62 22.14 6.67
C ALA A 246 -36.46 21.74 7.56
N ALA A 247 -35.51 20.99 7.00
CA ALA A 247 -34.35 20.56 7.78
C ALA A 247 -33.45 21.76 8.10
N PHE A 248 -33.35 22.70 7.17
CA PHE A 248 -32.56 23.90 7.40
C PHE A 248 -33.22 24.81 8.42
N HIS A 249 -34.55 24.81 8.44
CA HIS A 249 -35.31 25.66 9.35
C HIS A 249 -35.30 25.13 10.79
N HIS A 250 -35.50 23.82 10.95
CA HIS A 250 -35.60 23.23 12.27
C HIS A 250 -34.25 22.77 12.83
N LEU A 251 -33.32 22.43 11.96
CA LEU A 251 -32.07 21.82 12.41
C LEU A 251 -30.81 22.60 12.04
N VAL A 252 -30.50 22.66 10.74
CA VAL A 252 -29.24 23.21 10.29
C VAL A 252 -28.98 24.66 10.74
N MET A 253 -29.93 25.56 10.53
CA MET A 253 -29.69 26.96 10.85
C MET A 253 -29.74 27.26 12.37
N PRO A 254 -30.67 26.66 13.13
CA PRO A 254 -30.60 26.88 14.57
C PRO A 254 -29.27 26.43 15.20
N ILE A 255 -28.86 25.21 14.91
CA ILE A 255 -27.61 24.67 15.43
C ILE A 255 -26.42 25.50 14.97
N ALA A 256 -26.42 25.89 13.70
CA ALA A 256 -25.32 26.67 13.14
C ALA A 256 -25.21 28.05 13.80
N ARG A 257 -26.34 28.68 14.07
CA ARG A 257 -26.31 30.00 14.69
C ARG A 257 -25.80 29.94 16.13
N GLU A 258 -26.13 28.86 16.84
CA GLU A 258 -25.65 28.68 18.20
C GLU A 258 -24.15 28.40 18.21
N PHE A 259 -23.70 27.59 17.26
CA PHE A 259 -22.29 27.28 17.10
C PHE A 259 -21.47 28.53 16.75
N ALA A 260 -22.10 29.42 15.99
CA ALA A 260 -21.48 30.68 15.54
C ALA A 260 -20.17 30.47 14.80
N PRO A 261 -20.23 29.83 13.62
CA PRO A 261 -18.99 29.54 12.90
C PRO A 261 -18.30 30.81 12.40
N GLU A 262 -16.99 30.71 12.22
CA GLU A 262 -16.21 31.81 11.68
C GLU A 262 -15.93 31.55 10.20
N LEU A 263 -16.23 30.34 9.76
CA LEU A 263 -16.08 29.98 8.36
C LEU A 263 -17.05 28.86 8.05
N VAL A 264 -17.71 28.94 6.88
CA VAL A 264 -18.61 27.87 6.46
C VAL A 264 -18.07 27.20 5.22
N LEU A 265 -17.93 25.88 5.29
CA LEU A 265 -17.58 25.08 4.12
C LEU A 265 -18.80 24.26 3.73
N VAL A 266 -19.10 24.24 2.44
CA VAL A 266 -20.18 23.39 1.96
C VAL A 266 -19.60 22.27 1.13
N SER A 267 -19.75 21.05 1.62
CA SER A 267 -19.52 19.87 0.79
C SER A 267 -20.72 19.78 -0.15
N ALA A 268 -20.62 20.49 -1.25
CA ALA A 268 -21.75 20.72 -2.13
C ALA A 268 -21.81 19.71 -3.27
N GLY A 269 -22.22 18.50 -2.96
CA GLY A 269 -22.53 17.55 -4.01
C GLY A 269 -23.88 17.95 -4.56
N PHE A 270 -24.12 17.70 -5.84
CA PHE A 270 -25.43 18.01 -6.39
C PHE A 270 -26.12 16.76 -6.90
N ASP A 271 -25.89 15.64 -6.21
CA ASP A 271 -26.57 14.40 -6.59
C ASP A 271 -27.91 14.21 -5.87
N ALA A 272 -28.31 15.17 -5.04
CA ALA A 272 -29.69 15.17 -4.53
C ALA A 272 -30.60 15.92 -5.51
N ALA A 273 -30.02 16.35 -6.63
CA ALA A 273 -30.73 17.17 -7.60
C ALA A 273 -31.72 16.37 -8.44
N ARG A 274 -32.83 17.00 -8.78
CA ARG A 274 -33.76 16.44 -9.74
C ARG A 274 -33.00 16.05 -11.01
N GLY A 275 -33.15 14.81 -11.44
CA GLY A 275 -32.52 14.35 -12.65
C GLY A 275 -31.26 13.52 -12.45
N ASP A 276 -30.76 13.48 -11.22
CA ASP A 276 -29.54 12.72 -10.95
C ASP A 276 -29.80 11.22 -11.14
N PRO A 277 -28.88 10.53 -11.83
CA PRO A 277 -29.06 9.09 -12.09
C PRO A 277 -28.76 8.20 -10.88
N LEU A 278 -28.10 8.74 -9.85
CA LEU A 278 -27.72 7.94 -8.69
C LEU A 278 -28.46 8.33 -7.41
N GLY A 279 -28.79 9.61 -7.27
CA GLY A 279 -29.38 10.12 -6.05
C GLY A 279 -30.82 9.71 -5.82
N GLY A 280 -31.66 9.87 -6.85
CA GLY A 280 -33.06 9.52 -6.76
C GLY A 280 -33.90 10.55 -6.01
N PHE A 281 -33.36 11.75 -5.83
CA PHE A 281 -34.07 12.85 -5.17
C PHE A 281 -34.45 13.95 -6.16
N GLN A 282 -35.09 15.01 -5.68
CA GLN A 282 -35.57 16.04 -6.59
C GLN A 282 -35.39 17.47 -6.07
N VAL A 283 -34.23 17.78 -5.52
CA VAL A 283 -33.92 19.16 -5.15
C VAL A 283 -33.71 19.97 -6.44
N THR A 284 -34.31 21.16 -6.49
CA THR A 284 -34.26 22.01 -7.68
C THR A 284 -33.11 23.00 -7.61
N PRO A 285 -32.72 23.57 -8.76
CA PRO A 285 -31.66 24.59 -8.67
C PRO A 285 -32.07 25.75 -7.76
N GLU A 286 -33.34 26.11 -7.78
CA GLU A 286 -33.85 27.15 -6.89
C GLU A 286 -33.74 26.72 -5.45
N GLY A 287 -33.96 25.43 -5.20
CA GLY A 287 -33.75 24.85 -3.89
C GLY A 287 -32.35 25.09 -3.38
N TYR A 288 -31.36 24.72 -4.19
CA TYR A 288 -29.96 24.90 -3.80
C TYR A 288 -29.65 26.39 -3.56
N ALA A 289 -30.27 27.25 -4.36
CA ALA A 289 -30.07 28.68 -4.22
C ALA A 289 -30.53 29.15 -2.83
N HIS A 290 -31.69 28.66 -2.41
CA HIS A 290 -32.21 29.05 -1.11
C HIS A 290 -31.39 28.49 0.04
N LEU A 291 -30.83 27.30 -0.16
CA LEU A 291 -29.93 26.74 0.86
C LEU A 291 -28.68 27.60 0.97
N THR A 292 -28.12 27.96 -0.18
CA THR A 292 -26.93 28.81 -0.22
C THR A 292 -27.18 30.14 0.50
N HIS A 293 -28.31 30.75 0.18
CA HIS A 293 -28.66 32.08 0.68
C HIS A 293 -28.81 32.09 2.20
N GLN A 294 -29.33 31.00 2.76
CA GLN A 294 -29.47 30.89 4.21
C GLN A 294 -28.11 30.76 4.89
N LEU A 295 -27.22 29.98 4.28
CA LEU A 295 -25.90 29.79 4.85
C LEU A 295 -25.09 31.10 4.82
N MET A 296 -25.44 31.98 3.89
CA MET A 296 -24.74 33.27 3.75
C MET A 296 -24.96 34.21 4.93
N SER A 297 -25.96 33.90 5.75
CA SER A 297 -26.27 34.68 6.95
C SER A 297 -25.39 34.26 8.11
N LEU A 298 -24.52 33.29 7.87
CA LEU A 298 -23.58 32.80 8.88
C LEU A 298 -22.18 33.33 8.63
N ALA A 299 -21.38 33.37 9.68
CA ALA A 299 -19.94 33.64 9.58
C ALA A 299 -19.61 34.92 8.83
N ALA A 300 -20.48 35.93 8.93
CA ALA A 300 -20.31 37.19 8.22
C ALA A 300 -20.19 36.98 6.71
N GLY A 301 -20.87 35.95 6.20
CA GLY A 301 -20.89 35.67 4.77
C GLY A 301 -19.70 34.86 4.26
N ARG A 302 -18.82 34.46 5.18
CA ARG A 302 -17.63 33.70 4.80
C ARG A 302 -17.97 32.25 4.48
N VAL A 303 -18.40 32.03 3.23
CA VAL A 303 -18.87 30.73 2.78
C VAL A 303 -18.05 30.26 1.58
N LEU A 304 -17.56 29.02 1.65
CA LEU A 304 -16.87 28.40 0.52
C LEU A 304 -17.62 27.15 0.06
N ILE A 305 -18.06 27.16 -1.19
CA ILE A 305 -18.82 26.06 -1.76
C ILE A 305 -17.93 25.12 -2.55
N ILE A 306 -17.88 23.86 -2.12
CA ILE A 306 -16.95 22.90 -2.68
C ILE A 306 -17.68 21.76 -3.37
N LEU A 307 -17.43 21.58 -4.67
CA LEU A 307 -18.08 20.51 -5.41
C LEU A 307 -17.66 19.14 -4.87
N GLU A 308 -18.66 18.30 -4.60
CA GLU A 308 -18.43 16.92 -4.27
C GLU A 308 -19.00 16.09 -5.43
N GLY A 309 -20.08 15.36 -5.17
CA GLY A 309 -20.71 14.55 -6.20
C GLY A 309 -21.74 15.32 -7.03
N GLY A 310 -22.58 14.58 -7.76
CA GLY A 310 -23.53 15.18 -8.68
C GLY A 310 -23.21 14.72 -10.10
N TYR A 311 -24.16 14.03 -10.75
CA TYR A 311 -23.83 13.27 -11.95
C TYR A 311 -24.73 13.50 -13.17
N ASN A 312 -25.80 14.28 -13.03
CA ASN A 312 -26.48 14.75 -14.23
C ASN A 312 -25.82 16.08 -14.64
N LEU A 313 -25.10 16.05 -15.75
CA LEU A 313 -24.28 17.18 -16.19
C LEU A 313 -25.07 18.49 -16.31
N THR A 314 -26.29 18.40 -16.82
CA THR A 314 -27.15 19.58 -16.94
C THR A 314 -27.63 20.05 -15.56
N SER A 315 -28.01 19.10 -14.71
CA SER A 315 -28.51 19.42 -13.38
CA SER A 315 -28.52 19.43 -13.39
C SER A 315 -27.45 20.08 -12.50
N ILE A 316 -26.24 19.54 -12.49
CA ILE A 316 -25.21 20.09 -11.61
C ILE A 316 -24.72 21.45 -12.10
N SER A 317 -24.72 21.64 -13.42
CA SER A 317 -24.33 22.92 -14.01
C SER A 317 -25.29 24.01 -13.59
N GLU A 318 -26.58 23.71 -13.70
CA GLU A 318 -27.61 24.67 -13.35
C GLU A 318 -27.64 24.93 -11.84
N SER A 319 -27.52 23.86 -11.05
CA SER A 319 -27.59 23.97 -9.59
C SER A 319 -26.43 24.76 -9.00
N MET A 320 -25.20 24.45 -9.43
CA MET A 320 -24.05 25.12 -8.85
C MET A 320 -23.96 26.57 -9.32
N SER A 321 -24.31 26.83 -10.58
CA SER A 321 -24.33 28.21 -11.09
CA SER A 321 -24.29 28.21 -11.06
C SER A 321 -25.28 29.06 -10.27
N MET A 322 -26.42 28.47 -9.90
CA MET A 322 -27.40 29.14 -9.06
C MET A 322 -26.83 29.50 -7.70
N CYS A 323 -26.05 28.60 -7.12
CA CYS A 323 -25.39 28.89 -5.85
C CYS A 323 -24.45 30.08 -6.00
N THR A 324 -23.66 30.08 -7.07
CA THR A 324 -22.73 31.16 -7.33
C THR A 324 -23.46 32.50 -7.49
N SER A 325 -24.58 32.45 -8.20
CA SER A 325 -25.43 33.63 -8.35
C SER A 325 -25.84 34.18 -6.98
N MET A 326 -26.14 33.28 -6.04
CA MET A 326 -26.50 33.69 -4.68
C MET A 326 -25.33 34.34 -3.99
N LEU A 327 -24.15 33.72 -4.06
CA LEU A 327 -22.93 34.27 -3.47
C LEU A 327 -22.59 35.66 -4.00
N LEU A 328 -22.89 35.86 -5.28
CA LEU A 328 -22.62 37.13 -5.93
C LEU A 328 -23.62 38.21 -5.51
N GLY A 329 -24.66 37.81 -4.79
CA GLY A 329 -25.62 38.76 -4.24
C GLY A 329 -26.92 38.90 -5.00
N ASP A 330 -27.17 38.03 -5.97
CA ASP A 330 -28.43 38.08 -6.70
C ASP A 330 -29.57 37.64 -5.79
N SER A 331 -30.76 38.13 -6.07
CA SER A 331 -31.93 37.82 -5.26
C SER A 331 -32.37 36.37 -5.48
N PRO A 332 -32.77 35.69 -4.39
CA PRO A 332 -33.18 34.29 -4.46
C PRO A 332 -34.48 34.10 -5.27
N PRO A 333 -34.48 33.11 -6.17
CA PRO A 333 -35.68 32.75 -6.94
C PRO A 333 -36.77 32.23 -6.02
N SER A 334 -38.00 32.16 -6.52
CA SER A 334 -39.11 31.65 -5.71
C SER A 334 -39.21 30.13 -5.79
N LEU A 335 -39.66 29.53 -4.70
CA LEU A 335 -39.86 28.08 -4.66
C LEU A 335 -41.31 27.72 -4.96
N PRO A 340 -46.75 19.67 0.29
CA PRO A 340 -46.59 19.45 1.73
C PRO A 340 -45.38 18.60 2.06
N LEU A 341 -44.84 18.76 3.26
CA LEU A 341 -43.74 17.94 3.74
C LEU A 341 -44.09 16.45 3.70
N LYS A 342 -43.19 15.63 3.18
CA LYS A 342 -43.35 14.19 3.31
C LYS A 342 -43.22 13.81 4.78
N THR A 343 -44.17 13.03 5.28
CA THR A 343 -44.21 12.67 6.69
C THR A 343 -42.96 11.93 7.13
N SER A 344 -42.40 11.13 6.23
CA SER A 344 -41.15 10.43 6.48
C SER A 344 -40.03 11.40 6.87
N ALA A 345 -40.02 12.56 6.22
CA ALA A 345 -39.02 13.59 6.50
C ALA A 345 -39.24 14.19 7.88
N THR A 346 -40.50 14.31 8.28
CA THR A 346 -40.84 14.83 9.60
C THR A 346 -40.34 13.90 10.69
N VAL A 347 -40.45 12.60 10.43
CA VAL A 347 -39.95 11.59 11.37
C VAL A 347 -38.43 11.69 11.54
N SER A 348 -37.73 11.82 10.42
CA SER A 348 -36.28 12.00 10.43
C SER A 348 -35.89 13.23 11.23
N ILE A 349 -36.51 14.37 10.90
CA ILE A 349 -36.20 15.63 11.56
C ILE A 349 -36.49 15.56 13.06
N ASN A 350 -37.54 14.86 13.45
CA ASN A 350 -37.86 14.70 14.86
C ASN A 350 -36.86 13.80 15.57
N ASN A 351 -36.39 12.75 14.89
CA ASN A 351 -35.34 11.89 15.45
C ASN A 351 -34.06 12.67 15.73
N VAL A 352 -33.73 13.57 14.81
CA VAL A 352 -32.51 14.37 14.96
C VAL A 352 -32.68 15.41 16.07
N LEU A 353 -33.84 16.05 16.11
CA LEU A 353 -34.12 17.04 17.16
C LEU A 353 -34.04 16.41 18.54
N ARG A 354 -34.49 15.15 18.64
CA ARG A 354 -34.48 14.44 19.91
C ARG A 354 -33.06 14.05 20.29
N ALA A 355 -32.25 13.74 19.29
CA ALA A 355 -30.88 13.31 19.51
C ALA A 355 -29.96 14.47 19.89
N HIS A 356 -30.31 15.69 19.49
CA HIS A 356 -29.41 16.83 19.68
C HIS A 356 -29.93 17.92 20.60
N ALA A 357 -31.18 17.80 21.04
CA ALA A 357 -31.70 18.64 22.11
C ALA A 357 -30.81 18.62 23.36
N PRO A 358 -30.22 17.45 23.71
CA PRO A 358 -29.30 17.51 24.87
C PRO A 358 -28.08 18.41 24.70
N PHE A 359 -27.79 18.88 23.48
CA PHE A 359 -26.56 19.62 23.23
C PHE A 359 -26.78 21.05 22.75
N TRP A 360 -27.93 21.30 22.15
CA TRP A 360 -28.22 22.62 21.58
C TRP A 360 -29.52 23.18 22.14
N SER A 361 -29.41 24.27 22.89
CA SER A 361 -30.56 24.87 23.55
C SER A 361 -31.57 25.45 22.55
N SER A 362 -31.07 25.84 21.39
CA SER A 362 -31.92 26.37 20.33
C SER A 362 -32.95 25.35 19.83
N LEU A 363 -32.77 24.09 20.21
CA LEU A 363 -33.66 23.01 19.78
C LEU A 363 -34.59 22.57 20.90
N ARG A 364 -34.53 23.25 22.04
CA ARG A 364 -35.37 22.91 23.18
C ARG A 364 -36.48 23.95 23.39
N PRO B 8 20.71 6.16 -2.80
CA PRO B 8 21.01 4.78 -2.42
C PRO B 8 21.40 3.93 -3.63
N ILE B 9 22.48 3.17 -3.51
CA ILE B 9 22.94 2.34 -4.61
C ILE B 9 22.63 0.86 -4.36
N THR B 10 22.13 0.18 -5.39
CA THR B 10 21.97 -1.28 -5.34
C THR B 10 23.15 -1.93 -6.06
N GLY B 11 23.74 -2.92 -5.43
CA GLY B 11 24.83 -3.66 -6.05
C GLY B 11 24.31 -4.90 -6.75
N LEU B 12 25.06 -5.35 -7.75
CA LEU B 12 24.72 -6.57 -8.48
C LEU B 12 25.99 -7.33 -8.83
N VAL B 13 26.02 -8.62 -8.52
CA VAL B 13 27.16 -9.42 -8.90
C VAL B 13 26.68 -10.57 -9.80
N TYR B 14 27.38 -10.75 -10.91
CA TYR B 14 27.14 -11.85 -11.83
C TYR B 14 28.41 -12.16 -12.60
N ASP B 15 28.72 -13.43 -12.76
CA ASP B 15 29.92 -13.83 -13.51
C ASP B 15 29.66 -15.12 -14.29
N GLN B 16 29.79 -15.05 -15.61
CA GLN B 16 29.42 -16.16 -16.47
C GLN B 16 30.31 -17.39 -16.27
N ARG B 17 31.42 -17.22 -15.57
CA ARG B 17 32.27 -18.36 -15.22
C ARG B 17 31.50 -19.38 -14.38
N MET B 18 30.51 -18.91 -13.62
CA MET B 18 29.71 -19.81 -12.79
C MET B 18 28.82 -20.75 -13.63
N MET B 19 28.77 -20.50 -14.93
CA MET B 19 28.03 -21.37 -15.85
C MET B 19 28.77 -22.67 -16.16
N LEU B 20 30.07 -22.74 -15.85
CA LEU B 20 30.90 -23.87 -16.24
C LEU B 20 30.54 -25.16 -15.52
N HIS B 21 30.02 -25.03 -14.29
CA HIS B 21 29.53 -26.17 -13.53
C HIS B 21 28.37 -26.83 -14.28
N HIS B 22 28.53 -28.09 -14.68
CA HIS B 22 27.51 -28.77 -15.47
C HIS B 22 27.39 -30.27 -15.19
N ASN B 23 26.27 -30.84 -15.63
CA ASN B 23 26.02 -32.26 -15.51
C ASN B 23 26.35 -32.94 -16.85
N MET B 24 27.42 -33.73 -16.87
CA MET B 24 27.89 -34.29 -18.13
C MET B 24 27.11 -35.54 -18.56
N TRP B 25 26.36 -36.14 -17.64
CA TRP B 25 25.57 -37.33 -17.96
C TRP B 25 24.15 -36.95 -18.34
N ASP B 26 23.59 -35.98 -17.63
CA ASP B 26 22.27 -35.46 -17.94
C ASP B 26 22.34 -33.95 -18.12
N SER B 27 22.57 -33.53 -19.36
CA SER B 27 22.75 -32.11 -19.68
C SER B 27 21.47 -31.29 -19.53
N HIS B 28 20.36 -31.97 -19.25
CA HIS B 28 19.08 -31.30 -19.08
C HIS B 28 18.62 -31.31 -17.62
N HIS B 29 19.53 -31.68 -16.71
CA HIS B 29 19.31 -31.54 -15.28
C HIS B 29 18.85 -30.10 -14.99
N PRO B 30 17.80 -29.94 -14.17
CA PRO B 30 17.15 -28.63 -14.00
C PRO B 30 18.06 -27.55 -13.39
N GLU B 31 19.11 -27.94 -12.67
CA GLU B 31 20.04 -26.95 -12.16
C GLU B 31 21.00 -26.55 -13.29
N LEU B 32 20.47 -25.79 -14.24
CA LEU B 32 21.15 -25.48 -15.49
C LEU B 32 22.11 -24.31 -15.40
N PRO B 33 23.19 -24.36 -16.19
CA PRO B 33 24.09 -23.20 -16.32
C PRO B 33 23.34 -21.92 -16.69
N GLN B 34 22.35 -22.03 -17.59
CA GLN B 34 21.65 -20.83 -18.05
C GLN B 34 20.67 -20.26 -17.02
N ARG B 35 20.55 -20.86 -15.85
CA ARG B 35 19.74 -20.24 -14.78
C ARG B 35 20.21 -18.80 -14.50
N ILE B 36 21.51 -18.61 -14.33
CA ILE B 36 22.03 -17.29 -13.97
C ILE B 36 22.10 -16.34 -15.18
N SER B 37 22.47 -16.85 -16.35
CA SER B 37 22.56 -16.01 -17.53
C SER B 37 21.18 -15.51 -17.93
N ARG B 38 20.15 -16.33 -17.71
CA ARG B 38 18.78 -15.93 -18.01
C ARG B 38 18.30 -14.82 -17.07
N ILE B 39 18.58 -14.96 -15.78
CA ILE B 39 18.22 -13.90 -14.83
C ILE B 39 18.95 -12.59 -15.18
N PHE B 40 20.24 -12.71 -15.50
CA PHE B 40 21.06 -11.57 -15.85
C PHE B 40 20.49 -10.90 -17.11
N SER B 41 20.16 -11.72 -18.11
CA SER B 41 19.60 -11.21 -19.37
C SER B 41 18.32 -10.41 -19.11
N ARG B 42 17.45 -10.93 -18.26
CA ARG B 42 16.20 -10.27 -17.93
C ARG B 42 16.43 -8.92 -17.23
N HIS B 43 17.50 -8.82 -16.43
CA HIS B 43 17.86 -7.54 -15.82
C HIS B 43 18.23 -6.52 -16.89
N GLU B 44 18.92 -6.98 -17.94
CA GLU B 44 19.25 -6.14 -19.08
C GLU B 44 18.00 -5.67 -19.83
N GLU B 45 17.13 -6.62 -20.16
CA GLU B 45 15.89 -6.32 -20.88
C GLU B 45 15.04 -5.29 -20.18
N LEU B 46 15.01 -5.38 -18.86
CA LEU B 46 14.17 -4.51 -18.05
C LEU B 46 14.90 -3.22 -17.67
N ARG B 47 16.13 -3.07 -18.17
CA ARG B 47 17.00 -1.92 -17.89
C ARG B 47 17.26 -1.73 -16.40
N LEU B 48 17.31 -2.84 -15.67
CA LEU B 48 17.65 -2.83 -14.26
C LEU B 48 19.16 -2.82 -14.06
N LEU B 49 19.88 -3.51 -14.94
CA LEU B 49 21.32 -3.70 -14.79
C LEU B 49 22.11 -2.40 -14.78
N SER B 50 21.76 -1.48 -15.68
CA SER B 50 22.47 -0.20 -15.74
C SER B 50 22.18 0.66 -14.52
N ARG B 51 21.09 0.35 -13.80
CA ARG B 51 20.72 1.10 -12.61
C ARG B 51 21.48 0.62 -11.36
N CYS B 52 22.19 -0.50 -11.49
CA CYS B 52 22.96 -1.06 -10.38
C CYS B 52 24.46 -0.78 -10.50
N HIS B 53 25.18 -0.89 -9.39
CA HIS B 53 26.63 -0.89 -9.43
C HIS B 53 27.14 -2.33 -9.47
N ARG B 54 28.00 -2.61 -10.44
CA ARG B 54 28.43 -3.99 -10.68
C ARG B 54 29.56 -4.37 -9.71
N ILE B 55 29.29 -5.35 -8.85
CA ILE B 55 30.26 -5.83 -7.88
C ILE B 55 30.99 -7.05 -8.45
N PRO B 56 32.33 -7.01 -8.43
CA PRO B 56 33.10 -8.10 -9.03
C PRO B 56 33.01 -9.39 -8.24
N ALA B 57 32.95 -10.52 -8.95
CA ALA B 57 33.06 -11.82 -8.32
C ALA B 57 34.50 -12.10 -7.94
N ARG B 58 34.71 -12.98 -6.97
CA ARG B 58 36.05 -13.47 -6.66
C ARG B 58 35.95 -14.87 -6.07
N LEU B 59 37.08 -15.57 -6.02
CA LEU B 59 37.10 -16.87 -5.35
C LEU B 59 37.08 -16.69 -3.84
N ALA B 60 36.27 -17.47 -3.16
CA ALA B 60 36.43 -17.62 -1.72
C ALA B 60 37.76 -18.31 -1.47
N THR B 61 38.41 -17.99 -0.36
CA THR B 61 39.64 -18.67 0.00
C THR B 61 39.32 -19.92 0.81
N GLU B 62 40.27 -20.85 0.89
CA GLU B 62 40.06 -22.03 1.70
C GLU B 62 39.86 -21.64 3.16
N GLU B 63 40.51 -20.56 3.59
CA GLU B 63 40.38 -20.09 4.97
C GLU B 63 38.98 -19.57 5.23
N GLU B 64 38.39 -18.91 4.23
CA GLU B 64 37.03 -18.42 4.34
C GLU B 64 36.02 -19.56 4.33
N LEU B 65 36.32 -20.61 3.56
CA LEU B 65 35.45 -21.78 3.51
C LEU B 65 35.42 -22.48 4.86
N ALA B 66 36.53 -22.34 5.60
CA ALA B 66 36.67 -23.00 6.89
C ALA B 66 35.87 -22.31 8.00
N LEU B 67 35.28 -21.16 7.67
CA LEU B 67 34.36 -20.51 8.60
C LEU B 67 33.17 -21.42 8.92
N CYS B 68 32.79 -22.26 7.96
CA CYS B 68 31.61 -23.13 8.12
C CYS B 68 31.88 -24.60 7.81
N HIS B 69 32.92 -24.91 7.04
CA HIS B 69 33.11 -26.28 6.58
C HIS B 69 34.39 -26.95 7.10
N SER B 70 34.33 -28.27 7.23
CA SER B 70 35.48 -29.05 7.69
C SER B 70 36.59 -29.06 6.64
N SER B 71 37.80 -29.35 7.08
CA SER B 71 38.93 -29.42 6.17
C SER B 71 38.81 -30.64 5.26
N LYS B 72 38.18 -31.70 5.77
CA LYS B 72 37.99 -32.89 4.97
C LYS B 72 37.04 -32.60 3.81
N HIS B 73 35.94 -31.90 4.08
CA HIS B 73 34.97 -31.61 3.04
C HIS B 73 35.54 -30.68 1.97
N ILE B 74 36.25 -29.64 2.41
CA ILE B 74 36.91 -28.74 1.48
C ILE B 74 37.90 -29.49 0.58
N SER B 75 38.71 -30.37 1.16
CA SER B 75 39.72 -31.10 0.40
CA SER B 75 39.71 -31.12 0.41
C SER B 75 39.08 -32.06 -0.62
N ILE B 76 37.98 -32.68 -0.25
CA ILE B 76 37.31 -33.64 -1.13
C ILE B 76 36.73 -32.95 -2.37
N ILE B 77 36.01 -31.85 -2.16
CA ILE B 77 35.44 -31.13 -3.30
C ILE B 77 36.54 -30.50 -4.15
N LYS B 78 37.61 -30.04 -3.51
CA LYS B 78 38.75 -29.48 -4.23
C LYS B 78 39.41 -30.53 -5.13
N SER B 79 39.47 -31.76 -4.65
CA SER B 79 40.12 -32.84 -5.41
C SER B 79 39.35 -33.20 -6.68
N SER B 80 38.08 -32.83 -6.73
CA SER B 80 37.25 -33.15 -7.90
C SER B 80 37.69 -32.39 -9.15
N GLU B 81 38.50 -31.35 -8.94
CA GLU B 81 38.90 -30.46 -10.02
C GLU B 81 39.76 -31.14 -11.09
N HIS B 82 40.39 -32.26 -10.72
CA HIS B 82 41.29 -32.97 -11.62
C HIS B 82 40.87 -34.42 -11.85
N MET B 83 39.63 -34.74 -11.49
CA MET B 83 39.15 -36.11 -11.61
C MET B 83 38.70 -36.44 -13.03
N LYS B 84 38.88 -37.69 -13.43
CA LYS B 84 38.35 -38.20 -14.69
C LYS B 84 36.85 -38.45 -14.51
N PRO B 85 36.09 -38.46 -15.62
CA PRO B 85 34.62 -38.61 -15.57
C PRO B 85 34.12 -39.73 -14.68
N ARG B 86 34.77 -40.90 -14.75
CA ARG B 86 34.34 -42.04 -13.97
C ARG B 86 34.50 -41.77 -12.47
N ASP B 87 35.53 -41.01 -12.12
CA ASP B 87 35.77 -40.62 -10.73
C ASP B 87 34.78 -39.56 -10.27
N LEU B 88 34.49 -38.61 -11.15
CA LEU B 88 33.50 -37.55 -10.87
C LEU B 88 32.12 -38.15 -10.59
N ASN B 89 31.74 -39.14 -11.39
CA ASN B 89 30.48 -39.84 -11.20
C ASN B 89 30.45 -40.58 -9.87
N ARG B 90 31.53 -41.28 -9.54
CA ARG B 90 31.57 -42.02 -8.29
C ARG B 90 31.46 -41.11 -7.12
N LEU B 91 32.23 -40.05 -7.16
CA LEU B 91 32.21 -39.10 -6.06
C LEU B 91 30.84 -38.39 -5.88
N GLY B 92 30.31 -37.91 -6.96
CA GLY B 92 28.99 -37.31 -6.92
C GLY B 92 27.92 -38.22 -6.35
N ASP B 93 28.03 -39.52 -6.65
CA ASP B 93 27.04 -40.48 -6.16
C ASP B 93 27.18 -40.80 -4.68
N GLU B 94 28.25 -40.33 -4.06
CA GLU B 94 28.44 -40.51 -2.62
C GLU B 94 27.55 -39.55 -1.84
N TYR B 95 27.01 -38.54 -2.52
CA TYR B 95 26.17 -37.54 -1.88
C TYR B 95 24.71 -37.68 -2.27
N ASN B 96 23.83 -37.06 -1.49
CA ASN B 96 22.42 -36.96 -1.84
C ASN B 96 22.25 -35.90 -2.93
N SER B 97 21.90 -36.36 -4.12
CA SER B 97 21.55 -35.49 -5.25
C SER B 97 22.62 -34.44 -5.58
N ILE B 98 23.78 -34.90 -6.04
CA ILE B 98 24.88 -34.04 -6.44
C ILE B 98 25.48 -34.51 -7.77
N PHE B 99 25.68 -33.59 -8.70
CA PHE B 99 26.51 -33.88 -9.86
C PHE B 99 27.75 -32.99 -9.82
N ILE B 100 28.87 -33.51 -10.33
CA ILE B 100 30.14 -32.78 -10.27
C ILE B 100 30.85 -32.82 -11.61
N SER B 101 31.41 -31.68 -12.02
CA SER B 101 32.37 -31.62 -13.11
C SER B 101 33.68 -30.99 -12.62
N ASN B 102 34.68 -30.92 -13.49
CA ASN B 102 35.98 -30.36 -13.11
C ASN B 102 35.90 -28.89 -12.71
N GLU B 103 34.83 -28.22 -13.14
CA GLU B 103 34.66 -26.80 -12.90
C GLU B 103 33.82 -26.49 -11.66
N SER B 104 33.23 -27.52 -11.07
CA SER B 104 32.30 -27.37 -9.96
C SER B 104 32.92 -26.63 -8.76
N TYR B 105 34.12 -27.04 -8.37
CA TYR B 105 34.82 -26.45 -7.24
C TYR B 105 34.99 -24.94 -7.40
N THR B 106 35.54 -24.54 -8.55
CA THR B 106 35.76 -23.14 -8.88
C THR B 106 34.46 -22.33 -8.85
N CYS B 107 33.39 -22.90 -9.37
CA CYS B 107 32.11 -22.21 -9.43
C CYS B 107 31.53 -21.98 -8.05
N ALA B 108 31.63 -22.99 -7.18
CA ALA B 108 31.18 -22.86 -5.80
C ALA B 108 31.98 -21.78 -5.08
N LEU B 109 33.28 -21.74 -5.33
CA LEU B 109 34.15 -20.71 -4.77
C LEU B 109 33.72 -19.32 -5.21
N LEU B 110 33.40 -19.19 -6.50
CA LEU B 110 32.98 -17.91 -7.05
C LEU B 110 31.63 -17.46 -6.49
N ALA B 111 30.73 -18.42 -6.28
CA ALA B 111 29.42 -18.12 -5.71
C ALA B 111 29.61 -17.50 -4.32
N ALA B 112 30.47 -18.11 -3.51
CA ALA B 112 30.70 -17.65 -2.15
C ALA B 112 31.43 -16.31 -2.14
N GLY B 113 32.49 -16.22 -2.95
CA GLY B 113 33.30 -15.01 -2.98
C GLY B 113 32.53 -13.81 -3.50
N SER B 114 31.62 -14.04 -4.45
CA SER B 114 30.74 -13.00 -4.95
C SER B 114 29.92 -12.40 -3.82
N CYS B 115 29.39 -13.26 -2.96
CA CYS B 115 28.52 -12.81 -1.89
C CYS B 115 29.32 -12.11 -0.77
N PHE B 116 30.56 -12.53 -0.57
CA PHE B 116 31.43 -11.86 0.38
C PHE B 116 31.65 -10.42 -0.04
N ASN B 117 31.95 -10.23 -1.33
CA ASN B 117 32.17 -8.89 -1.88
C ASN B 117 30.94 -8.02 -1.76
N SER B 118 29.78 -8.62 -1.93
CA SER B 118 28.51 -7.92 -1.82
C SER B 118 28.22 -7.52 -0.37
N ALA B 119 28.48 -8.46 0.55
CA ALA B 119 28.32 -8.20 1.97
C ALA B 119 29.26 -7.08 2.40
N GLN B 120 30.49 -7.15 1.93
CA GLN B 120 31.49 -6.13 2.24
C GLN B 120 31.04 -4.76 1.72
N ALA B 121 30.49 -4.73 0.51
CA ALA B 121 30.05 -3.48 -0.09
C ALA B 121 28.89 -2.86 0.69
N ILE B 122 28.00 -3.72 1.18
CA ILE B 122 26.88 -3.27 2.00
C ILE B 122 27.34 -2.76 3.37
N LEU B 123 28.21 -3.52 4.02
CA LEU B 123 28.62 -3.20 5.39
C LEU B 123 29.54 -1.99 5.45
N THR B 124 30.17 -1.66 4.33
CA THR B 124 31.00 -0.45 4.27
C THR B 124 30.17 0.74 3.80
N GLY B 125 28.94 0.49 3.37
CA GLY B 125 28.03 1.54 2.96
C GLY B 125 28.24 2.01 1.52
N GLN B 126 29.03 1.28 0.76
CA GLN B 126 29.26 1.61 -0.64
C GLN B 126 28.02 1.35 -1.49
N VAL B 127 27.22 0.36 -1.05
CA VAL B 127 25.88 0.17 -1.57
C VAL B 127 24.95 0.01 -0.36
N ARG B 128 23.65 0.20 -0.58
CA ARG B 128 22.67 0.02 0.48
C ARG B 128 22.23 -1.44 0.55
N ASN B 129 22.15 -2.06 -0.61
CA ASN B 129 21.68 -3.43 -0.73
C ASN B 129 22.24 -4.05 -2.02
N ALA B 130 22.00 -5.34 -2.22
CA ALA B 130 22.56 -6.00 -3.39
C ALA B 130 21.84 -7.28 -3.76
N VAL B 131 22.06 -7.71 -4.99
CA VAL B 131 21.56 -8.97 -5.50
CA VAL B 131 21.55 -8.97 -5.48
C VAL B 131 22.73 -9.81 -6.01
N ALA B 132 22.69 -11.11 -5.73
CA ALA B 132 23.77 -12.00 -6.15
C ALA B 132 23.24 -13.12 -7.02
N ILE B 133 23.53 -13.05 -8.32
CA ILE B 133 23.07 -14.03 -9.29
C ILE B 133 24.12 -15.13 -9.44
N VAL B 134 24.05 -16.13 -8.57
CA VAL B 134 25.12 -17.11 -8.43
C VAL B 134 24.61 -18.55 -8.52
N ARG B 135 25.51 -19.45 -8.90
CA ARG B 135 25.27 -20.90 -8.83
C ARG B 135 26.63 -21.60 -8.75
N PRO B 136 26.67 -22.85 -8.26
CA PRO B 136 25.59 -23.67 -7.69
C PRO B 136 25.03 -23.09 -6.39
N PRO B 137 23.82 -23.51 -5.98
CA PRO B 137 23.22 -23.02 -4.73
C PRO B 137 23.98 -23.50 -3.50
N GLY B 138 23.53 -23.12 -2.30
CA GLY B 138 24.30 -23.43 -1.11
C GLY B 138 23.59 -23.95 0.11
N HIS B 139 22.29 -23.70 0.27
CA HIS B 139 21.69 -23.85 1.61
C HIS B 139 21.51 -25.31 2.07
N HIS B 140 21.68 -26.27 1.18
CA HIS B 140 21.63 -27.68 1.58
C HIS B 140 22.99 -28.20 2.05
N ALA B 141 24.04 -27.46 1.74
CA ALA B 141 25.39 -27.90 2.09
C ALA B 141 25.61 -27.83 3.60
N GLU B 142 26.12 -28.94 4.16
CA GLU B 142 26.42 -29.03 5.58
C GLU B 142 27.90 -28.75 5.83
N LYS B 143 28.27 -28.62 7.10
CA LYS B 143 29.66 -28.46 7.49
C LYS B 143 30.57 -29.50 6.83
N ASP B 144 30.14 -30.77 6.87
CA ASP B 144 30.98 -31.89 6.44
C ASP B 144 30.61 -32.53 5.10
N THR B 145 29.54 -32.07 4.45
CA THR B 145 29.10 -32.74 3.22
C THR B 145 28.34 -31.85 2.24
N ALA B 146 28.36 -32.25 0.97
CA ALA B 146 27.54 -31.63 -0.06
C ALA B 146 26.17 -32.31 -0.14
N CYS B 147 25.20 -31.61 -0.70
CA CYS B 147 23.83 -32.12 -0.74
C CYS B 147 22.94 -31.25 -1.60
N GLY B 148 21.98 -31.87 -2.27
CA GLY B 148 20.94 -31.16 -3.01
C GLY B 148 21.39 -30.03 -3.94
N PHE B 149 22.35 -30.34 -4.80
CA PHE B 149 22.92 -29.42 -5.80
C PHE B 149 23.89 -28.40 -5.18
N CYS B 150 24.14 -28.53 -3.89
CA CYS B 150 24.93 -27.53 -3.15
C CYS B 150 26.27 -28.09 -2.66
N PHE B 151 27.34 -27.31 -2.80
CA PHE B 151 28.66 -27.75 -2.33
C PHE B 151 29.11 -27.06 -1.05
N PHE B 152 29.04 -25.73 -1.05
CA PHE B 152 29.37 -24.95 0.15
C PHE B 152 28.18 -24.05 0.47
N ASN B 153 27.97 -23.79 1.76
CA ASN B 153 26.81 -23.01 2.15
C ASN B 153 27.09 -21.53 2.04
N THR B 154 26.81 -20.99 0.86
CA THR B 154 27.11 -19.60 0.53
C THR B 154 26.51 -18.61 1.51
N ALA B 155 25.23 -18.77 1.83
CA ALA B 155 24.56 -17.87 2.76
C ALA B 155 25.20 -17.94 4.15
N ALA B 156 25.38 -19.15 4.66
CA ALA B 156 26.01 -19.31 5.97
C ALA B 156 27.42 -18.73 6.00
N LEU B 157 28.19 -18.99 4.95
CA LEU B 157 29.55 -18.47 4.86
C LEU B 157 29.55 -16.95 4.86
N THR B 158 28.59 -16.36 4.14
CA THR B 158 28.50 -14.90 4.04
C THR B 158 28.17 -14.29 5.41
N ALA B 159 27.27 -14.92 6.16
CA ALA B 159 26.95 -14.46 7.50
C ALA B 159 28.21 -14.40 8.37
N ARG B 160 28.99 -15.47 8.34
CA ARG B 160 30.22 -15.54 9.13
C ARG B 160 31.26 -14.56 8.60
N TYR B 161 31.27 -14.35 7.28
CA TYR B 161 32.18 -13.38 6.70
C TYR B 161 31.83 -11.97 7.16
N ALA B 162 30.54 -11.64 7.15
CA ALA B 162 30.07 -10.36 7.65
C ALA B 162 30.49 -10.10 9.10
N GLN B 163 30.41 -11.14 9.92
CA GLN B 163 30.84 -11.02 11.31
C GLN B 163 32.35 -10.85 11.39
N SER B 164 33.08 -11.47 10.46
CA SER B 164 34.53 -11.43 10.49
C SER B 164 35.12 -10.07 10.11
N ILE B 165 34.35 -9.23 9.41
CA ILE B 165 34.85 -7.89 9.07
C ILE B 165 34.12 -6.79 9.82
N THR B 166 33.28 -7.17 10.77
CA THR B 166 32.66 -6.21 11.67
C THR B 166 32.97 -6.60 13.11
N ARG B 167 32.01 -7.26 13.76
CA ARG B 167 32.26 -7.87 15.06
C ARG B 167 31.63 -9.26 15.10
N GLU B 168 32.15 -10.13 15.95
CA GLU B 168 31.70 -11.51 16.04
C GLU B 168 30.20 -11.63 16.34
N SER B 169 29.66 -10.67 17.08
CA SER B 169 28.28 -10.74 17.53
C SER B 169 27.30 -9.99 16.62
N LEU B 170 27.75 -9.62 15.42
CA LEU B 170 26.90 -8.92 14.46
C LEU B 170 25.63 -9.73 14.21
N ARG B 171 24.47 -9.11 14.42
CA ARG B 171 23.20 -9.80 14.27
C ARG B 171 22.83 -9.95 12.81
N VAL B 172 22.80 -11.18 12.33
CA VAL B 172 22.43 -11.45 10.94
C VAL B 172 21.14 -12.25 10.88
N LEU B 173 20.19 -11.77 10.09
CA LEU B 173 18.99 -12.53 9.80
C LEU B 173 19.13 -13.20 8.45
N ILE B 174 18.84 -14.51 8.40
CA ILE B 174 18.79 -15.21 7.12
C ILE B 174 17.36 -15.66 6.92
N VAL B 175 16.72 -15.11 5.89
CA VAL B 175 15.38 -15.55 5.50
C VAL B 175 15.53 -16.44 4.28
N ASP B 176 14.97 -17.64 4.37
CA ASP B 176 15.13 -18.65 3.35
C ASP B 176 13.75 -18.92 2.76
N TRP B 177 13.45 -18.30 1.61
CA TRP B 177 12.12 -18.49 0.99
C TRP B 177 12.16 -19.44 -0.21
N ASP B 178 13.31 -20.07 -0.42
CA ASP B 178 13.41 -21.24 -1.30
C ASP B 178 12.37 -22.26 -0.84
N VAL B 179 11.74 -22.99 -1.77
CA VAL B 179 10.64 -23.86 -1.38
C VAL B 179 11.12 -25.05 -0.52
N HIS B 180 12.43 -25.31 -0.54
CA HIS B 180 13.03 -26.39 0.26
C HIS B 180 13.64 -25.87 1.55
N HIS B 181 13.66 -26.71 2.58
CA HIS B 181 14.29 -26.37 3.85
C HIS B 181 15.81 -26.29 3.70
N GLY B 182 16.42 -25.22 4.21
CA GLY B 182 17.86 -25.11 4.16
C GLY B 182 18.48 -25.84 5.33
N ASN B 183 18.51 -27.18 5.23
CA ASN B 183 19.02 -28.02 6.30
C ASN B 183 20.44 -27.64 6.74
N GLY B 184 21.29 -27.29 5.80
CA GLY B 184 22.66 -26.95 6.11
C GLY B 184 22.75 -25.66 6.90
N THR B 185 21.96 -24.67 6.50
CA THR B 185 21.98 -23.39 7.21
C THR B 185 21.49 -23.53 8.65
N GLN B 186 20.38 -24.26 8.82
CA GLN B 186 19.85 -24.52 10.16
C GLN B 186 20.91 -25.13 11.07
N HIS B 187 21.58 -26.16 10.58
CA HIS B 187 22.55 -26.90 11.38
C HIS B 187 23.79 -26.07 11.73
N ILE B 188 24.30 -25.33 10.76
CA ILE B 188 25.48 -24.49 10.96
C ILE B 188 25.26 -23.49 12.10
N PHE B 189 24.05 -22.96 12.21
CA PHE B 189 23.77 -21.95 13.22
C PHE B 189 22.83 -22.42 14.34
N GLU B 190 22.61 -23.72 14.46
CA GLU B 190 21.59 -24.21 15.38
C GLU B 190 21.84 -23.81 16.83
N GLU B 191 23.11 -23.68 17.21
CA GLU B 191 23.47 -23.31 18.59
C GLU B 191 23.88 -21.85 18.70
N ASP B 192 23.46 -21.04 17.74
CA ASP B 192 23.93 -19.66 17.62
C ASP B 192 22.78 -18.64 17.77
N ASP B 193 22.99 -17.63 18.60
CA ASP B 193 21.97 -16.60 18.75
C ASP B 193 22.32 -15.30 18.00
N SER B 194 23.48 -15.29 17.35
CA SER B 194 23.88 -14.14 16.53
C SER B 194 23.32 -14.23 15.12
N VAL B 195 22.93 -15.43 14.70
CA VAL B 195 22.33 -15.60 13.38
C VAL B 195 20.96 -16.22 13.54
N LEU B 196 19.94 -15.44 13.20
CA LEU B 196 18.56 -15.90 13.24
C LEU B 196 18.18 -16.51 11.89
N TYR B 197 17.84 -17.80 11.91
CA TYR B 197 17.46 -18.48 10.69
C TYR B 197 15.94 -18.67 10.62
N ILE B 198 15.33 -18.14 9.56
CA ILE B 198 13.91 -18.29 9.34
C ILE B 198 13.69 -18.91 7.97
N SER B 199 13.11 -20.11 7.93
CA SER B 199 12.84 -20.77 6.68
C SER B 199 11.35 -20.99 6.50
N LEU B 200 10.87 -20.75 5.28
CA LEU B 200 9.54 -21.19 4.86
C LEU B 200 9.76 -22.28 3.82
N HIS B 201 9.03 -23.39 3.92
CA HIS B 201 9.31 -24.50 3.03
C HIS B 201 8.16 -25.48 2.92
N ARG B 202 8.05 -26.10 1.76
CA ARG B 202 7.18 -27.24 1.60
C ARG B 202 7.75 -28.41 2.40
N TYR B 203 6.91 -29.00 3.25
CA TYR B 203 7.36 -30.01 4.21
C TYR B 203 6.68 -31.36 3.99
N GLU B 204 5.35 -31.34 3.90
CA GLU B 204 4.54 -32.56 3.70
C GLU B 204 4.88 -33.66 4.70
N ASP B 205 4.93 -33.29 5.98
CA ASP B 205 5.21 -34.22 7.07
C ASP B 205 6.54 -34.96 6.89
N GLY B 206 7.48 -34.33 6.20
CA GLY B 206 8.81 -34.89 6.02
C GLY B 206 8.99 -35.61 4.70
N ALA B 207 7.96 -35.63 3.86
CA ALA B 207 8.03 -36.35 2.59
C ALA B 207 8.71 -35.52 1.48
N PHE B 208 8.80 -34.21 1.65
CA PHE B 208 9.37 -33.36 0.62
C PHE B 208 10.87 -33.16 0.87
N PHE B 209 11.67 -33.12 -0.20
CA PHE B 209 13.10 -32.94 -0.08
C PHE B 209 13.40 -31.71 0.79
N PRO B 210 14.39 -31.81 1.71
CA PRO B 210 15.37 -32.88 1.90
C PRO B 210 14.96 -34.01 2.84
N ASN B 211 13.65 -34.19 3.04
CA ASN B 211 13.09 -35.39 3.68
C ASN B 211 13.50 -35.64 5.12
N SER B 212 13.76 -34.58 5.86
CA SER B 212 14.14 -34.72 7.26
C SER B 212 13.15 -34.00 8.16
N GLU B 213 12.85 -34.60 9.32
CA GLU B 213 11.95 -33.95 10.27
C GLU B 213 12.61 -32.77 10.98
N ASP B 214 13.89 -32.56 10.70
CA ASP B 214 14.60 -31.35 11.17
C ASP B 214 13.89 -30.07 10.75
N ALA B 215 13.11 -30.17 9.68
CA ALA B 215 12.47 -29.01 9.08
C ALA B 215 11.14 -28.67 9.73
N ASN B 216 10.74 -29.41 10.76
CA ASN B 216 9.45 -29.15 11.40
C ASN B 216 9.50 -27.94 12.34
N TYR B 217 8.32 -27.39 12.64
CA TYR B 217 8.20 -26.16 13.40
C TYR B 217 8.74 -26.26 14.84
N ASP B 218 8.82 -27.48 15.35
CA ASP B 218 9.21 -27.69 16.75
C ASP B 218 10.72 -27.65 16.92
N LYS B 219 11.45 -27.57 15.81
CA LYS B 219 12.90 -27.42 15.89
C LYS B 219 13.24 -25.93 16.05
N VAL B 220 13.49 -25.51 17.29
CA VAL B 220 13.60 -24.09 17.58
C VAL B 220 15.02 -23.62 17.88
N GLY B 221 15.98 -24.53 17.80
CA GLY B 221 17.36 -24.21 18.10
C GLY B 221 17.87 -24.90 19.37
N LEU B 222 19.19 -24.89 19.55
CA LEU B 222 19.83 -25.59 20.67
C LEU B 222 20.66 -24.64 21.54
N GLY B 223 20.70 -24.90 22.85
CA GLY B 223 21.53 -24.11 23.76
C GLY B 223 21.16 -22.63 23.75
N LYS B 224 22.16 -21.76 23.63
CA LYS B 224 21.88 -20.33 23.61
C LYS B 224 21.16 -19.94 22.31
N GLY B 225 21.14 -20.85 21.35
CA GLY B 225 20.42 -20.64 20.11
C GLY B 225 18.95 -21.08 20.17
N ARG B 226 18.49 -21.48 21.35
CA ARG B 226 17.08 -21.83 21.51
C ARG B 226 16.18 -20.62 21.25
N GLY B 227 15.43 -20.68 20.16
CA GLY B 227 14.53 -19.61 19.78
C GLY B 227 14.96 -18.90 18.51
N TYR B 228 16.19 -19.18 18.08
CA TYR B 228 16.77 -18.49 16.94
C TYR B 228 16.75 -19.34 15.67
N ASN B 229 15.93 -20.39 15.69
CA ASN B 229 15.65 -21.18 14.49
C ASN B 229 14.16 -21.29 14.30
N VAL B 230 13.66 -20.68 13.22
CA VAL B 230 12.23 -20.66 12.95
C VAL B 230 11.91 -21.40 11.66
N ASN B 231 11.32 -22.58 11.80
CA ASN B 231 10.81 -23.33 10.65
C ASN B 231 9.32 -23.12 10.44
N ILE B 232 8.96 -22.72 9.23
CA ILE B 232 7.56 -22.54 8.86
C ILE B 232 7.23 -23.54 7.76
N PRO B 233 6.77 -24.74 8.16
CA PRO B 233 6.54 -25.85 7.23
C PRO B 233 5.14 -25.89 6.64
N TRP B 234 5.04 -26.05 5.32
CA TRP B 234 3.75 -26.15 4.65
C TRP B 234 3.39 -27.62 4.40
N ASN B 235 2.13 -27.97 4.66
CA ASN B 235 1.64 -29.32 4.41
C ASN B 235 0.31 -29.29 3.66
N GLY B 236 0.15 -30.23 2.73
CA GLY B 236 -1.10 -30.44 2.01
C GLY B 236 -1.78 -29.21 1.48
N GLY B 237 -1.19 -28.62 0.45
CA GLY B 237 -1.73 -27.42 -0.16
C GLY B 237 -0.79 -26.77 -1.16
N LYS B 238 -1.38 -26.16 -2.18
CA LYS B 238 -0.61 -25.43 -3.17
C LYS B 238 -0.49 -23.98 -2.72
N MET B 239 0.56 -23.67 -1.97
CA MET B 239 0.68 -22.37 -1.35
C MET B 239 1.11 -21.29 -2.33
N GLY B 240 0.74 -20.05 -2.04
CA GLY B 240 1.04 -18.94 -2.93
C GLY B 240 1.15 -17.64 -2.17
N ASP B 241 0.93 -16.54 -2.89
CA ASP B 241 1.01 -15.20 -2.30
C ASP B 241 0.22 -15.05 -0.99
N PRO B 242 -1.06 -15.51 -0.94
CA PRO B 242 -1.79 -15.34 0.32
C PRO B 242 -1.12 -15.95 1.54
N GLU B 243 -0.64 -17.19 1.40
CA GLU B 243 -0.01 -17.89 2.51
C GLU B 243 1.33 -17.28 2.91
N TYR B 244 2.13 -16.87 1.93
CA TYR B 244 3.42 -16.27 2.25
C TYR B 244 3.25 -14.88 2.88
N MET B 245 2.28 -14.09 2.41
CA MET B 245 2.04 -12.79 3.01
C MET B 245 1.57 -12.93 4.46
N ALA B 246 0.74 -13.93 4.72
CA ALA B 246 0.27 -14.21 6.08
C ALA B 246 1.42 -14.66 6.99
N ALA B 247 2.30 -15.50 6.44
CA ALA B 247 3.47 -15.96 7.20
C ALA B 247 4.42 -14.81 7.54
N PHE B 248 4.59 -13.88 6.62
CA PHE B 248 5.44 -12.73 6.88
C PHE B 248 4.79 -11.81 7.91
N HIS B 249 3.47 -11.65 7.79
CA HIS B 249 2.73 -10.75 8.67
C HIS B 249 2.69 -11.24 10.12
N HIS B 250 2.44 -12.53 10.29
CA HIS B 250 2.21 -13.09 11.62
C HIS B 250 3.49 -13.59 12.30
N LEU B 251 4.48 -13.98 11.49
CA LEU B 251 5.68 -14.61 12.05
C LEU B 251 6.97 -13.90 11.66
N VAL B 252 7.27 -13.87 10.36
CA VAL B 252 8.58 -13.45 9.89
C VAL B 252 8.91 -12.04 10.35
N MET B 253 8.03 -11.09 10.08
CA MET B 253 8.31 -9.68 10.37
C MET B 253 8.26 -9.34 11.88
N PRO B 254 7.27 -9.85 12.63
CA PRO B 254 7.31 -9.61 14.08
C PRO B 254 8.60 -10.11 14.75
N ILE B 255 9.00 -11.34 14.43
CA ILE B 255 10.21 -11.93 14.99
C ILE B 255 11.46 -11.17 14.58
N ALA B 256 11.55 -10.86 13.28
CA ALA B 256 12.69 -10.15 12.72
C ALA B 256 12.86 -8.75 13.34
N ARG B 257 11.75 -8.05 13.55
CA ARG B 257 11.81 -6.72 14.13
C ARG B 257 12.27 -6.76 15.59
N GLU B 258 11.89 -7.81 16.29
CA GLU B 258 12.30 -7.96 17.68
C GLU B 258 13.80 -8.30 17.74
N PHE B 259 14.24 -9.14 16.81
CA PHE B 259 15.64 -9.53 16.70
C PHE B 259 16.54 -8.34 16.39
N ALA B 260 16.03 -7.42 15.57
CA ALA B 260 16.75 -6.21 15.16
C ALA B 260 18.07 -6.52 14.45
N PRO B 261 17.99 -7.17 13.27
CA PRO B 261 19.21 -7.54 12.56
C PRO B 261 19.98 -6.31 12.09
N GLU B 262 21.28 -6.45 11.90
CA GLU B 262 22.09 -5.38 11.34
C GLU B 262 22.39 -5.69 9.88
N LEU B 263 22.10 -6.92 9.48
CA LEU B 263 22.25 -7.35 8.09
C LEU B 263 21.25 -8.43 7.78
N VAL B 264 20.63 -8.36 6.59
CA VAL B 264 19.67 -9.38 6.19
C VAL B 264 20.16 -10.13 4.96
N LEU B 265 20.30 -11.44 5.07
CA LEU B 265 20.59 -12.26 3.91
C LEU B 265 19.33 -13.02 3.52
N VAL B 266 19.01 -13.02 2.24
CA VAL B 266 17.89 -13.82 1.76
C VAL B 266 18.43 -14.99 0.96
N SER B 267 18.18 -16.21 1.45
CA SER B 267 18.40 -17.40 0.65
C SER B 267 17.22 -17.46 -0.32
N ALA B 268 17.39 -16.78 -1.43
CA ALA B 268 16.28 -16.51 -2.33
C ALA B 268 16.23 -17.53 -3.46
N GLY B 269 15.72 -18.72 -3.15
CA GLY B 269 15.41 -19.69 -4.18
C GLY B 269 14.09 -19.25 -4.77
N PHE B 270 13.87 -19.50 -6.05
CA PHE B 270 12.60 -19.13 -6.64
C PHE B 270 11.87 -20.35 -7.15
N ASP B 271 11.99 -21.47 -6.42
CA ASP B 271 11.28 -22.68 -6.81
C ASP B 271 9.93 -22.81 -6.13
N ALA B 272 9.52 -21.80 -5.35
CA ALA B 272 8.14 -21.76 -4.88
C ALA B 272 7.28 -21.00 -5.89
N ALA B 273 7.92 -20.58 -6.97
CA ALA B 273 7.26 -19.74 -7.98
C ALA B 273 6.26 -20.50 -8.84
N ARG B 274 5.19 -19.80 -9.22
CA ARG B 274 4.25 -20.30 -10.21
C ARG B 274 5.02 -20.74 -11.45
N GLY B 275 4.84 -22.00 -11.85
CA GLY B 275 5.50 -22.53 -13.02
C GLY B 275 6.70 -23.41 -12.75
N ASP B 276 7.15 -23.48 -11.50
CA ASP B 276 8.33 -24.30 -11.20
C ASP B 276 7.99 -25.78 -11.33
N PRO B 277 8.87 -26.54 -12.00
CA PRO B 277 8.59 -27.95 -12.25
C PRO B 277 8.81 -28.86 -11.04
N LEU B 278 9.48 -28.34 -10.02
CA LEU B 278 9.85 -29.14 -8.83
C LEU B 278 9.11 -28.71 -7.58
N GLY B 279 8.79 -27.42 -7.47
CA GLY B 279 8.20 -26.88 -6.26
C GLY B 279 6.73 -27.17 -6.08
N GLY B 280 5.94 -26.98 -7.13
CA GLY B 280 4.51 -27.21 -7.07
C GLY B 280 3.71 -26.14 -6.34
N PHE B 281 4.32 -24.98 -6.12
CA PHE B 281 3.63 -23.84 -5.50
C PHE B 281 3.35 -22.76 -6.54
N GLN B 282 2.80 -21.63 -6.09
CA GLN B 282 2.41 -20.59 -7.04
C GLN B 282 2.62 -19.17 -6.53
N VAL B 283 3.74 -18.93 -5.86
CA VAL B 283 4.12 -17.57 -5.52
C VAL B 283 4.39 -16.79 -6.81
N THR B 284 3.85 -15.58 -6.90
CA THR B 284 3.97 -14.77 -8.11
C THR B 284 5.17 -13.83 -8.03
N PRO B 285 5.61 -13.29 -9.18
CA PRO B 285 6.69 -12.29 -9.13
C PRO B 285 6.33 -11.08 -8.27
N GLU B 286 5.06 -10.71 -8.26
CA GLU B 286 4.58 -9.60 -7.44
C GLU B 286 4.68 -9.98 -5.97
N GLY B 287 4.43 -11.24 -5.66
CA GLY B 287 4.58 -11.74 -4.31
C GLY B 287 6.01 -11.62 -3.82
N TYR B 288 6.97 -12.06 -4.65
CA TYR B 288 8.38 -11.95 -4.29
C TYR B 288 8.79 -10.49 -4.09
N ALA B 289 8.21 -9.60 -4.89
CA ALA B 289 8.48 -8.18 -4.76
C ALA B 289 8.05 -7.67 -3.38
N HIS B 290 6.87 -8.09 -2.94
CA HIS B 290 6.34 -7.68 -1.64
C HIS B 290 7.11 -8.28 -0.49
N LEU B 291 7.56 -9.52 -0.64
CA LEU B 291 8.41 -10.12 0.36
C LEU B 291 9.71 -9.33 0.46
N THR B 292 10.29 -8.98 -0.68
CA THR B 292 11.52 -8.19 -0.70
C THR B 292 11.33 -6.81 -0.05
N HIS B 293 10.23 -6.14 -0.40
CA HIS B 293 9.94 -4.80 0.12
C HIS B 293 9.76 -4.81 1.64
N GLN B 294 9.16 -5.86 2.17
CA GLN B 294 8.98 -5.96 3.62
C GLN B 294 10.31 -6.11 4.33
N LEU B 295 11.19 -6.93 3.78
CA LEU B 295 12.50 -7.15 4.39
C LEU B 295 13.33 -5.87 4.35
N MET B 296 13.12 -5.04 3.33
CA MET B 296 13.85 -3.77 3.21
C MET B 296 13.62 -2.82 4.38
N SER B 297 12.58 -3.08 5.18
CA SER B 297 12.30 -2.24 6.34
C SER B 297 13.15 -2.64 7.54
N LEU B 298 13.99 -3.66 7.35
CA LEU B 298 14.84 -4.19 8.40
C LEU B 298 16.27 -3.74 8.22
N ALA B 299 17.02 -3.66 9.31
CA ALA B 299 18.47 -3.44 9.28
C ALA B 299 18.87 -2.20 8.47
N ALA B 300 18.03 -1.16 8.55
CA ALA B 300 18.26 0.09 7.84
C ALA B 300 18.40 -0.16 6.33
N GLY B 301 17.76 -1.22 5.85
CA GLY B 301 17.73 -1.54 4.43
C GLY B 301 18.87 -2.40 3.92
N ARG B 302 19.75 -2.84 4.83
CA ARG B 302 20.91 -3.64 4.43
C ARG B 302 20.51 -5.09 4.15
N VAL B 303 20.11 -5.33 2.91
CA VAL B 303 19.61 -6.63 2.47
C VAL B 303 20.42 -7.15 1.29
N LEU B 304 20.86 -8.40 1.39
CA LEU B 304 21.54 -9.07 0.29
C LEU B 304 20.73 -10.28 -0.17
N ILE B 305 20.31 -10.25 -1.43
CA ILE B 305 19.51 -11.34 -2.00
C ILE B 305 20.40 -12.31 -2.78
N ILE B 306 20.42 -13.57 -2.32
CA ILE B 306 21.32 -14.58 -2.85
C ILE B 306 20.54 -15.71 -3.55
N LEU B 307 20.82 -15.92 -4.83
CA LEU B 307 20.11 -16.95 -5.58
C LEU B 307 20.39 -18.32 -4.98
N GLU B 308 19.34 -19.08 -4.73
CA GLU B 308 19.48 -20.48 -4.34
C GLU B 308 18.91 -21.33 -5.46
N GLY B 309 17.77 -21.99 -5.21
CA GLY B 309 17.12 -22.80 -6.23
C GLY B 309 16.14 -22.03 -7.11
N GLY B 310 15.33 -22.77 -7.89
CA GLY B 310 14.42 -22.15 -8.84
C GLY B 310 14.74 -22.61 -10.25
N TYR B 311 13.80 -23.26 -10.91
CA TYR B 311 14.12 -24.05 -12.09
C TYR B 311 13.24 -23.81 -13.33
N ASN B 312 12.22 -22.95 -13.21
CA ASN B 312 11.57 -22.45 -14.42
C ASN B 312 12.30 -21.18 -14.84
N LEU B 313 13.05 -21.26 -15.94
CA LEU B 313 13.94 -20.16 -16.34
C LEU B 313 13.19 -18.84 -16.50
N THR B 314 12.00 -18.89 -17.07
CA THR B 314 11.22 -17.67 -17.24
C THR B 314 10.74 -17.14 -15.88
N SER B 315 10.27 -18.05 -15.03
CA SER B 315 9.74 -17.68 -13.72
CA SER B 315 9.74 -17.67 -13.73
C SER B 315 10.80 -17.05 -12.82
N ILE B 316 11.98 -17.66 -12.77
CA ILE B 316 13.02 -17.15 -11.87
C ILE B 316 13.61 -15.84 -12.41
N SER B 317 13.65 -15.67 -13.72
CA SER B 317 14.18 -14.45 -14.32
C SER B 317 13.30 -13.26 -13.98
N GLU B 318 11.99 -13.47 -14.08
CA GLU B 318 11.03 -12.44 -13.77
C GLU B 318 10.93 -12.17 -12.27
N SER B 319 11.01 -13.25 -11.49
CA SER B 319 10.89 -13.14 -10.04
C SER B 319 12.08 -12.41 -9.42
N MET B 320 13.29 -12.82 -9.78
CA MET B 320 14.45 -12.18 -9.19
C MET B 320 14.58 -10.73 -9.66
N SER B 321 14.26 -10.45 -10.91
CA SER B 321 14.28 -9.08 -11.43
CA SER B 321 14.30 -9.08 -11.42
C SER B 321 13.33 -8.20 -10.64
N MET B 322 12.17 -8.75 -10.31
CA MET B 322 11.22 -8.00 -9.50
C MET B 322 11.80 -7.65 -8.13
N CYS B 323 12.55 -8.58 -7.54
CA CYS B 323 13.22 -8.30 -6.28
C CYS B 323 14.25 -7.17 -6.43
N THR B 324 15.03 -7.20 -7.50
CA THR B 324 16.04 -6.17 -7.74
C THR B 324 15.38 -4.81 -7.93
N SER B 325 14.27 -4.79 -8.65
CA SER B 325 13.46 -3.58 -8.82
C SER B 325 13.07 -2.99 -7.47
N MET B 326 12.71 -3.86 -6.52
CA MET B 326 12.37 -3.39 -5.19
C MET B 326 13.60 -2.82 -4.47
N LEU B 327 14.72 -3.52 -4.55
CA LEU B 327 15.96 -3.03 -3.94
C LEU B 327 16.33 -1.65 -4.48
N LEU B 328 16.05 -1.42 -5.76
CA LEU B 328 16.34 -0.16 -6.42
C LEU B 328 15.37 0.96 -6.03
N GLY B 329 14.33 0.62 -5.28
CA GLY B 329 13.45 1.65 -4.74
C GLY B 329 12.13 1.84 -5.47
N ASP B 330 11.86 1.00 -6.47
CA ASP B 330 10.62 1.10 -7.24
C ASP B 330 9.42 0.73 -6.37
N SER B 331 8.26 1.26 -6.72
CA SER B 331 7.02 0.96 -5.98
C SER B 331 6.63 -0.51 -6.13
N PRO B 332 6.19 -1.13 -5.04
CA PRO B 332 5.74 -2.52 -5.12
C PRO B 332 4.60 -2.66 -6.12
N PRO B 333 4.66 -3.70 -6.96
CA PRO B 333 3.52 -3.97 -7.85
C PRO B 333 2.32 -4.34 -7.00
N SER B 334 1.12 -4.16 -7.54
CA SER B 334 -0.09 -4.50 -6.80
C SER B 334 -0.30 -6.01 -6.82
N LEU B 335 -0.51 -6.60 -5.65
CA LEU B 335 -0.79 -8.02 -5.58
C LEU B 335 -2.16 -8.32 -6.15
N ASP B 336 -2.37 -9.56 -6.56
CA ASP B 336 -3.69 -10.04 -6.90
C ASP B 336 -4.51 -10.08 -5.62
N HIS B 337 -5.83 -10.18 -5.74
CA HIS B 337 -6.67 -10.26 -4.55
C HIS B 337 -6.32 -11.50 -3.73
N LEU B 338 -5.98 -11.30 -2.46
CA LEU B 338 -5.56 -12.40 -1.60
C LEU B 338 -6.74 -13.20 -1.05
N THR B 339 -6.95 -14.38 -1.61
CA THR B 339 -7.98 -15.30 -1.15
C THR B 339 -7.67 -15.76 0.27
N PRO B 340 -8.69 -16.25 0.99
CA PRO B 340 -8.41 -16.80 2.33
C PRO B 340 -7.43 -17.97 2.27
N LEU B 341 -6.65 -18.14 3.33
CA LEU B 341 -5.62 -19.16 3.38
C LEU B 341 -6.18 -20.57 3.27
N LYS B 342 -5.43 -21.46 2.61
CA LYS B 342 -5.69 -22.88 2.72
C LYS B 342 -5.69 -23.23 4.20
N THR B 343 -6.61 -24.10 4.62
CA THR B 343 -6.80 -24.33 6.05
C THR B 343 -5.55 -24.88 6.73
N SER B 344 -4.77 -25.69 6.02
CA SER B 344 -3.55 -26.25 6.58
C SER B 344 -2.49 -25.17 6.78
N ALA B 345 -2.55 -24.09 5.99
CA ALA B 345 -1.60 -22.99 6.14
C ALA B 345 -1.83 -22.28 7.46
N THR B 346 -3.11 -22.13 7.82
CA THR B 346 -3.48 -21.54 9.11
C THR B 346 -2.94 -22.40 10.26
N VAL B 347 -3.05 -23.71 10.10
CA VAL B 347 -2.54 -24.65 11.09
C VAL B 347 -1.03 -24.54 11.25
N SER B 348 -0.32 -24.48 10.13
CA SER B 348 1.13 -24.36 10.15
C SER B 348 1.56 -23.09 10.91
N ILE B 349 0.93 -21.97 10.57
CA ILE B 349 1.26 -20.70 11.20
C ILE B 349 0.99 -20.72 12.71
N ASN B 350 -0.11 -21.35 13.11
CA ASN B 350 -0.45 -21.44 14.52
C ASN B 350 0.49 -22.35 15.30
N ASN B 351 0.95 -23.43 14.65
CA ASN B 351 1.93 -24.32 15.26
C ASN B 351 3.25 -23.58 15.52
N VAL B 352 3.68 -22.78 14.55
CA VAL B 352 4.92 -22.02 14.70
C VAL B 352 4.76 -20.96 15.79
N LEU B 353 3.62 -20.28 15.81
CA LEU B 353 3.32 -19.29 16.84
C LEU B 353 3.40 -19.92 18.23
N ARG B 354 2.76 -21.08 18.38
CA ARG B 354 2.79 -21.79 19.65
C ARG B 354 4.21 -22.18 20.04
N ALA B 355 4.99 -22.60 19.04
CA ALA B 355 6.35 -23.09 19.30
C ALA B 355 7.33 -21.98 19.68
N HIS B 356 7.09 -20.75 19.21
CA HIS B 356 8.06 -19.68 19.41
C HIS B 356 7.61 -18.57 20.34
N ALA B 357 6.34 -18.62 20.75
CA ALA B 357 5.81 -17.70 21.76
C ALA B 357 6.68 -17.58 23.03
N PRO B 358 7.25 -18.70 23.54
CA PRO B 358 8.12 -18.54 24.71
C PRO B 358 9.37 -17.71 24.49
N PHE B 359 9.76 -17.49 23.24
CA PHE B 359 11.04 -16.83 22.97
C PHE B 359 10.87 -15.44 22.36
N TRP B 360 9.70 -15.16 21.80
CA TRP B 360 9.45 -13.88 21.15
C TRP B 360 8.17 -13.21 21.65
N SER B 361 8.33 -12.10 22.37
CA SER B 361 7.20 -11.42 22.99
C SER B 361 6.21 -10.87 21.97
N SER B 362 6.69 -10.58 20.77
CA SER B 362 5.85 -10.03 19.71
C SER B 362 4.78 -11.00 19.22
N LEU B 363 4.91 -12.27 19.61
CA LEU B 363 3.97 -13.30 19.18
C LEU B 363 2.92 -13.61 20.24
N ARG B 364 3.06 -13.01 21.42
CA ARG B 364 2.19 -13.34 22.54
C ARG B 364 1.01 -12.39 22.69
K K C . -24.41 14.62 2.85
K K D . -17.24 17.26 14.95
ZN ZN E . -22.65 11.88 -3.41
O3 5OG F . -21.42 10.68 -5.05
C12 5OG F . -20.80 10.03 -4.30
N2 5OG F . -20.31 10.57 -3.06
O4 5OG F . -20.58 11.81 -2.80
C11 5OG F . -20.45 8.58 -4.51
C10 5OG F . -21.27 7.77 -5.15
C9 5OG F . -21.28 6.31 -5.17
C8 5OG F . -22.35 5.61 -5.71
C13 5OG F . -20.23 5.54 -4.67
C14 5OG F . -20.28 4.16 -4.72
C15 5OG F . -21.37 3.50 -5.26
C7 5OG F . -22.44 4.24 -5.76
S 5OG F . -23.79 3.36 -6.49
O1 5OG F . -24.68 2.54 -5.40
O2 5OG F . -24.94 4.38 -6.98
N1 5OG F . -23.41 2.49 -7.81
C1 5OG F . -22.47 2.85 -8.80
C6 5OG F . -22.84 3.66 -9.89
C5 5OG F . -21.92 4.03 -10.84
C4 5OG F . -20.59 3.65 -10.73
C3 5OG F . -20.21 2.88 -9.64
C2 5OG F . -21.13 2.49 -8.69
K K G . 13.25 -22.35 2.69
K K H . 20.24 -19.82 14.91
ZN ZN I . 14.97 -25.34 -3.51
O3 5OG J . 16.36 -26.57 -5.28
C12 5OG J . 16.83 -27.25 -4.45
N2 5OG J . 17.19 -26.71 -3.16
O4 5OG J . 16.98 -25.42 -2.99
C11 5OG J . 17.08 -28.73 -4.59
C10 5OG J . 16.20 -29.50 -5.19
C9 5OG J . 16.10 -30.98 -5.16
C8 5OG J . 15.00 -31.64 -5.71
C13 5OG J . 17.09 -31.79 -4.61
C14 5OG J . 16.97 -33.17 -4.60
C15 5OG J . 15.87 -33.79 -5.15
C7 5OG J . 14.84 -33.01 -5.69
S 5OG J . 13.49 -33.86 -6.41
O1 5OG J . 12.60 -34.74 -5.32
O2 5OG J . 12.33 -32.80 -6.84
N1 5OG J . 13.86 -34.73 -7.73
C1 5OG J . 14.91 -34.44 -8.62
C6 5OG J . 14.75 -33.54 -9.70
C5 5OG J . 15.82 -33.25 -10.52
C4 5OG J . 17.05 -33.83 -10.32
C3 5OG J . 17.23 -34.70 -9.26
C2 5OG J . 16.18 -35.00 -8.42
CL CL K . 28.72 2.80 7.98
CL CL L . 28.34 -1.92 11.33
#